data_3F6T
#
_entry.id   3F6T
#
_cell.length_a   89.780
_cell.length_b   107.750
_cell.length_c   119.680
_cell.angle_alpha   90.000
_cell.angle_beta   90.000
_cell.angle_gamma   90.000
#
_symmetry.space_group_name_H-M   'P 21 21 21'
#
loop_
_entity.id
_entity.type
_entity.pdbx_description
1 polymer 'Aspartate aminotransferase'
2 non-polymer 1,2-ETHANEDIOL
3 water water
#
_entity_poly.entity_id   1
_entity_poly.type   'polypeptide(L)'
_entity_poly.pdbx_seq_one_letter_code
;G(MSE)DNSEEKKLEALGAFEISRK(MSE)LALAQKNEKSNIFLNAGRGNPNWIQTLARLAFVRLVQFGVTESKLTINNG
I(MSE)AGYINTDGIRERLFAFLDPDKNDEDKFLIDAVNYCHTELGLNRDKVVAEWVNGAVANNYPVPDRCLVNTEKIIN
YFLQELSYKDANLAEQTDLFPTEGGTAAIVYAFHSLAENHLLKKGDKIAINEPIFTPYLRIPELKDYELVEVDLHSYEKN
DWEIEPNEIEKLKDPSIKALIVVNPTNPTSKEFDTNALNAIKQAVEKNPKL(MSE)IISDEVYGAFVPNFKSIYSVVPYN
T(MSE)LVYSYS(LLP)LFGCTGWRLGVIALNEKNVFDDNIAHLDKVELRQLHKRYSSVVLDPDK(MSE)KFIDRLCADS
RSIGLYHTAGLSTPQQI(MSE)EALFS(MSE)THLLTSTNGGSDDPYIDIARKLVSERYDQLHDA(MSE)QAPKDETDTN
THYYSLIDIYRLAEKIYGKEFRDYLTNNFEQVDFLLKLAEKNGVVLVDGVGFGAKPGELRVSQANLPTEDYALIGKQVLE
LLKEYYEEFKQNN
;
_entity_poly.pdbx_strand_id   A,B
#
# COMPACT_ATOMS: atom_id res chain seq x y z
N PHE A 16 21.35 -11.71 12.49
CA PHE A 16 21.81 -10.93 11.31
C PHE A 16 21.61 -9.42 11.50
N GLU A 17 22.14 -8.87 12.58
CA GLU A 17 22.03 -7.43 12.84
C GLU A 17 22.84 -6.61 11.84
N ILE A 18 22.31 -5.45 11.44
CA ILE A 18 23.01 -4.56 10.51
C ILE A 18 24.19 -3.91 11.25
N SER A 19 25.36 -3.89 10.61
CA SER A 19 26.54 -3.24 11.23
C SER A 19 26.14 -2.00 12.01
N ARG A 20 26.62 -1.91 13.23
CA ARG A 20 26.28 -0.76 14.06
C ARG A 20 26.95 0.46 13.47
N LYS A 21 28.12 0.25 12.85
CA LYS A 21 28.90 1.32 12.23
C LYS A 21 28.22 1.86 10.98
N LEU A 23 24.99 1.64 10.29
CA LEU A 23 23.81 2.33 10.86
C LEU A 23 24.16 3.75 11.36
N ALA A 24 25.32 3.87 12.01
CA ALA A 24 25.81 5.16 12.54
C ALA A 24 26.20 6.09 11.38
N LEU A 25 26.87 5.54 10.36
CA LEU A 25 27.28 6.28 9.17
C LEU A 25 26.06 6.87 8.44
N ALA A 26 24.95 6.14 8.44
CA ALA A 26 23.71 6.61 7.81
C ALA A 26 23.13 7.81 8.57
N GLN A 27 23.48 7.98 9.84
CA GLN A 27 23.02 9.15 10.63
C GLN A 27 23.63 10.46 10.11
N LYS A 28 24.80 10.36 9.47
CA LYS A 28 25.49 11.52 8.90
C LYS A 28 24.88 11.92 7.55
N ASN A 29 24.24 10.96 6.88
CA ASN A 29 23.61 11.18 5.56
C ASN A 29 22.51 10.13 5.31
N GLU A 30 21.27 10.41 5.71
CA GLU A 30 20.23 9.37 5.60
C GLU A 30 19.96 8.93 4.17
N LYS A 31 20.27 9.77 3.19
CA LYS A 31 20.10 9.42 1.79
C LYS A 31 20.86 8.14 1.42
N SER A 32 21.97 7.88 2.11
CA SER A 32 22.78 6.68 1.86
CA SER A 32 22.77 6.68 1.83
C SER A 32 22.26 5.44 2.59
N ASN A 33 21.32 5.62 3.53
CA ASN A 33 20.78 4.51 4.31
C ASN A 33 20.25 3.33 3.50
N ILE A 34 19.48 3.59 2.45
CA ILE A 34 18.94 2.50 1.64
C ILE A 34 20.05 1.68 0.95
N PHE A 35 21.05 2.31 0.34
CA PHE A 35 22.11 1.52 -0.31
C PHE A 35 23.01 0.84 0.73
N LEU A 36 23.43 1.57 1.76
CA LEU A 36 24.28 1.00 2.78
C LEU A 36 23.62 -0.13 3.60
N ASN A 37 22.45 0.17 4.15
CA ASN A 37 21.85 -0.73 5.10
C ASN A 37 20.73 -1.59 4.57
N ALA A 38 20.05 -1.15 3.51
CA ALA A 38 18.98 -1.93 2.88
C ALA A 38 19.51 -2.68 1.64
N GLY A 39 20.69 -2.29 1.12
CA GLY A 39 21.30 -3.01 0.01
C GLY A 39 20.74 -2.82 -1.40
N ARG A 40 19.95 -1.77 -1.59
CA ARG A 40 19.31 -1.51 -2.88
C ARG A 40 19.85 -0.25 -3.52
N GLY A 41 20.10 -0.35 -4.81
CA GLY A 41 20.52 0.76 -5.63
C GLY A 41 19.32 1.42 -6.31
N ASN A 42 18.97 2.64 -5.88
CA ASN A 42 17.91 3.45 -6.46
C ASN A 42 18.34 4.07 -7.80
N PRO A 43 17.65 3.74 -8.91
CA PRO A 43 18.05 4.30 -10.19
C PRO A 43 17.89 5.83 -10.24
N ASN A 44 18.74 6.45 -11.05
CA ASN A 44 18.65 7.90 -11.27
C ASN A 44 18.05 8.21 -12.68
N TRP A 45 17.47 7.18 -13.29
CA TRP A 45 16.75 7.30 -14.53
C TRP A 45 15.31 6.92 -14.23
N ILE A 46 14.42 7.33 -15.11
CA ILE A 46 12.99 7.04 -15.06
C ILE A 46 12.54 6.73 -16.49
N GLN A 47 11.47 5.95 -16.64
CA GLN A 47 10.83 5.83 -17.92
C GLN A 47 9.74 6.92 -17.90
N THR A 48 9.63 7.68 -18.95
CA THR A 48 8.65 8.76 -19.07
C THR A 48 7.28 8.41 -19.63
N LEU A 49 7.23 7.52 -20.62
CA LEU A 49 5.99 7.26 -21.38
C LEU A 49 4.77 6.85 -20.55
N ALA A 50 4.92 5.85 -19.70
CA ALA A 50 3.79 5.39 -18.85
C ALA A 50 3.33 6.47 -17.86
N ARG A 51 4.29 7.20 -17.32
CA ARG A 51 4.01 8.28 -16.38
C ARG A 51 3.13 9.38 -16.98
N LEU A 52 3.47 9.80 -18.20
CA LEU A 52 2.74 10.82 -18.95
C LEU A 52 1.40 10.28 -19.48
N ALA A 53 1.34 8.99 -19.81
CA ALA A 53 0.10 8.34 -20.26
C ALA A 53 -0.88 8.36 -19.10
N PHE A 54 -0.39 8.05 -17.90
CA PHE A 54 -1.20 8.10 -16.67
C PHE A 54 -1.83 9.51 -16.49
N VAL A 55 -1.04 10.57 -16.61
CA VAL A 55 -1.52 11.96 -16.50
C VAL A 55 -2.77 12.24 -17.33
N ARG A 56 -2.72 11.79 -18.59
CA ARG A 56 -3.78 12.00 -19.57
C ARG A 56 -5.05 11.26 -19.20
N LEU A 57 -4.89 10.07 -18.61
CA LEU A 57 -6.03 9.28 -18.15
C LEU A 57 -6.80 10.01 -17.06
N VAL A 58 -6.05 10.63 -16.17
CA VAL A 58 -6.64 11.43 -15.09
C VAL A 58 -7.33 12.66 -15.67
N GLN A 59 -6.65 13.38 -16.57
CA GLN A 59 -7.22 14.57 -17.21
C GLN A 59 -8.53 14.22 -17.95
N PHE A 60 -8.50 13.14 -18.71
CA PHE A 60 -9.67 12.71 -19.41
C PHE A 60 -10.79 12.28 -18.46
N GLY A 61 -10.42 11.55 -17.41
CA GLY A 61 -11.37 11.06 -16.43
C GLY A 61 -12.05 12.17 -15.67
N VAL A 62 -11.29 13.18 -15.27
CA VAL A 62 -11.88 14.36 -14.61
C VAL A 62 -12.90 15.03 -15.53
N THR A 63 -12.50 15.26 -16.78
CA THR A 63 -13.38 15.80 -17.81
C THR A 63 -14.69 14.98 -17.95
N GLU A 64 -14.55 13.65 -18.05
CA GLU A 64 -15.71 12.72 -18.09
C GLU A 64 -16.62 12.85 -16.85
N SER A 65 -16.00 12.98 -15.69
CA SER A 65 -16.72 13.04 -14.40
C SER A 65 -17.58 14.28 -14.22
N LYS A 66 -17.18 15.36 -14.86
CA LYS A 66 -17.91 16.61 -14.73
C LYS A 66 -19.22 16.56 -15.49
N LEU A 67 -19.40 15.53 -16.33
CA LEU A 67 -20.63 15.35 -17.08
C LEU A 67 -21.78 14.95 -16.17
N THR A 68 -21.49 14.28 -15.05
CA THR A 68 -22.53 13.81 -14.11
C THR A 68 -22.72 14.78 -12.92
N ILE A 69 -21.64 15.34 -12.42
CA ILE A 69 -21.70 16.36 -11.37
C ILE A 69 -20.62 17.38 -11.67
N ASN A 70 -20.95 18.66 -11.57
CA ASN A 70 -19.96 19.70 -11.83
C ASN A 70 -20.22 20.90 -10.95
N ASN A 71 -19.61 20.89 -9.79
CA ASN A 71 -19.85 21.90 -8.78
C ASN A 71 -18.58 22.28 -8.07
N GLY A 72 -18.01 23.42 -8.48
CA GLY A 72 -16.74 23.88 -7.97
C GLY A 72 -15.70 22.83 -8.31
N ILE A 73 -14.95 22.40 -7.30
CA ILE A 73 -13.93 21.37 -7.50
C ILE A 73 -14.49 19.95 -7.31
N ALA A 75 -16.54 16.84 -9.00
CA ALA A 75 -17.02 16.18 -10.21
C ALA A 75 -17.76 14.91 -9.74
N GLY A 76 -18.28 14.15 -10.69
CA GLY A 76 -19.05 12.98 -10.38
C GLY A 76 -18.40 11.66 -10.76
N TYR A 77 -19.16 10.85 -11.50
CA TYR A 77 -18.79 9.48 -11.91
C TYR A 77 -18.73 9.31 -13.42
N ILE A 78 -18.21 8.17 -13.84
CA ILE A 78 -17.95 7.87 -15.25
C ILE A 78 -18.77 6.68 -15.78
N ASN A 79 -19.39 6.87 -16.95
CA ASN A 79 -20.13 5.77 -17.63
C ASN A 79 -19.23 5.05 -18.62
N THR A 80 -19.24 3.73 -18.54
CA THR A 80 -18.43 2.88 -19.42
C THR A 80 -18.83 2.87 -20.88
N ASP A 81 -20.14 2.85 -21.14
CA ASP A 81 -20.62 2.83 -22.51
C ASP A 81 -20.12 4.03 -23.32
N GLY A 82 -19.42 3.73 -24.41
CA GLY A 82 -18.88 4.73 -25.31
C GLY A 82 -17.62 5.45 -24.86
N ILE A 83 -17.00 4.97 -23.77
CA ILE A 83 -15.80 5.58 -23.16
CA ILE A 83 -15.80 5.61 -23.18
C ILE A 83 -14.56 5.62 -24.10
N ARG A 84 -14.35 4.56 -24.87
CA ARG A 84 -13.23 4.47 -25.80
C ARG A 84 -13.29 5.56 -26.88
N GLU A 85 -14.46 5.67 -27.51
CA GLU A 85 -14.76 6.68 -28.49
C GLU A 85 -14.54 8.10 -27.96
N ARG A 86 -14.96 8.36 -26.73
CA ARG A 86 -14.77 9.65 -26.07
C ARG A 86 -13.28 9.90 -25.72
N LEU A 87 -12.58 8.85 -25.29
CA LEU A 87 -11.15 8.97 -25.01
C LEU A 87 -10.38 9.25 -26.32
N PHE A 88 -10.67 8.47 -27.36
CA PHE A 88 -9.97 8.63 -28.63
C PHE A 88 -10.14 10.02 -29.20
N ALA A 89 -11.35 10.60 -29.04
CA ALA A 89 -11.70 11.97 -29.46
C ALA A 89 -11.02 13.07 -28.63
N PHE A 90 -10.86 12.80 -27.35
CA PHE A 90 -10.17 13.69 -26.43
C PHE A 90 -8.64 13.72 -26.67
N LEU A 91 -8.06 12.58 -27.01
CA LEU A 91 -6.64 12.51 -27.23
C LEU A 91 -6.21 13.26 -28.52
N ASP A 92 -4.94 13.63 -28.58
CA ASP A 92 -4.35 14.26 -29.76
C ASP A 92 -3.06 13.50 -30.14
N PRO A 93 -3.21 12.29 -30.75
CA PRO A 93 -2.05 11.43 -31.08
C PRO A 93 -1.02 12.05 -32.02
N ASP A 94 -1.43 13.05 -32.81
CA ASP A 94 -0.50 13.77 -33.70
C ASP A 94 0.44 14.74 -32.98
N LYS A 95 -0.03 15.31 -31.87
CA LYS A 95 0.80 16.20 -31.09
C LYS A 95 1.55 15.51 -29.96
N ASN A 96 0.89 14.54 -29.29
CA ASN A 96 1.46 13.92 -28.07
C ASN A 96 1.80 12.43 -28.19
N ASP A 97 3.05 12.06 -27.91
CA ASP A 97 3.47 10.66 -27.91
C ASP A 97 2.67 9.77 -26.94
N GLU A 98 2.29 10.30 -25.77
CA GLU A 98 1.51 9.60 -24.75
C GLU A 98 0.15 9.16 -25.27
N ASP A 99 -0.47 10.07 -26.02
CA ASP A 99 -1.80 9.93 -26.60
C ASP A 99 -1.79 8.87 -27.67
N LYS A 100 -0.78 8.93 -28.53
CA LYS A 100 -0.58 7.89 -29.54
C LYS A 100 -0.34 6.53 -28.84
N PHE A 101 0.45 6.53 -27.76
CA PHE A 101 0.65 5.31 -26.98
C PHE A 101 -0.67 4.77 -26.36
N LEU A 102 -1.52 5.65 -25.82
CA LEU A 102 -2.78 5.22 -25.21
C LEU A 102 -3.73 4.51 -26.19
N ILE A 103 -3.89 5.09 -27.37
CA ILE A 103 -4.69 4.49 -28.42
C ILE A 103 -4.12 3.11 -28.84
N ASP A 104 -2.83 3.07 -29.14
CA ASP A 104 -2.15 1.82 -29.53
C ASP A 104 -2.24 0.70 -28.49
N ALA A 105 -2.17 1.08 -27.22
CA ALA A 105 -2.23 0.17 -26.08
C ALA A 105 -3.63 -0.43 -25.92
N VAL A 106 -4.66 0.40 -26.02
CA VAL A 106 -6.03 -0.05 -25.98
C VAL A 106 -6.36 -0.97 -27.18
N ASN A 107 -5.82 -0.67 -28.36
CA ASN A 107 -6.09 -1.43 -29.59
C ASN A 107 -5.38 -2.75 -29.57
N TYR A 108 -4.15 -2.76 -29.02
CA TYR A 108 -3.40 -3.95 -28.74
C TYR A 108 -4.18 -4.87 -27.78
N CYS A 109 -4.70 -4.31 -26.68
CA CYS A 109 -5.45 -5.12 -25.73
C CYS A 109 -6.63 -5.77 -26.39
N HIS A 110 -7.22 -5.08 -27.36
CA HIS A 110 -8.34 -5.59 -28.12
C HIS A 110 -7.93 -6.64 -29.15
N THR A 111 -7.03 -6.29 -30.08
CA THR A 111 -6.61 -7.19 -31.15
C THR A 111 -5.74 -8.38 -30.68
N GLU A 112 -4.81 -8.15 -29.75
CA GLU A 112 -3.92 -9.22 -29.24
C GLU A 112 -4.42 -9.95 -28.01
N LEU A 113 -5.02 -9.25 -27.07
CA LEU A 113 -5.47 -9.91 -25.84
C LEU A 113 -6.97 -10.22 -25.81
N GLY A 114 -7.70 -9.83 -26.84
CA GLY A 114 -9.11 -10.12 -26.91
C GLY A 114 -9.98 -9.37 -25.93
N LEU A 115 -9.52 -8.23 -25.45
CA LEU A 115 -10.29 -7.45 -24.48
C LEU A 115 -11.13 -6.38 -25.11
N ASN A 116 -12.30 -6.18 -24.52
CA ASN A 116 -13.25 -5.13 -24.88
C ASN A 116 -12.66 -3.76 -24.63
N ARG A 117 -12.61 -2.89 -25.63
CA ARG A 117 -11.97 -1.59 -25.51
C ARG A 117 -12.60 -0.64 -24.45
N ASP A 118 -13.92 -0.60 -24.40
CA ASP A 118 -14.63 0.18 -23.36
C ASP A 118 -14.31 -0.23 -21.93
N LYS A 119 -14.31 -1.54 -21.66
CA LYS A 119 -13.96 -2.10 -20.33
C LYS A 119 -12.51 -1.81 -19.92
N VAL A 120 -11.60 -1.95 -20.88
CA VAL A 120 -10.19 -1.60 -20.65
C VAL A 120 -10.01 -0.09 -20.36
N VAL A 121 -10.62 0.79 -21.17
CA VAL A 121 -10.55 2.26 -21.01
C VAL A 121 -11.18 2.68 -19.67
N ALA A 122 -12.35 2.12 -19.37
CA ALA A 122 -13.05 2.38 -18.13
C ALA A 122 -12.18 1.95 -16.94
N GLU A 123 -11.52 0.81 -17.06
CA GLU A 123 -10.69 0.29 -16.01
C GLU A 123 -9.50 1.22 -15.72
N TRP A 124 -8.83 1.63 -16.81
CA TRP A 124 -7.72 2.56 -16.75
C TRP A 124 -8.13 3.95 -16.29
N VAL A 125 -9.27 4.47 -16.73
CA VAL A 125 -9.70 5.83 -16.37
C VAL A 125 -10.22 5.83 -14.92
N ASN A 126 -11.14 4.94 -14.56
CA ASN A 126 -11.62 4.85 -13.19
C ASN A 126 -10.43 4.55 -12.27
N GLY A 127 -9.52 3.69 -12.75
CA GLY A 127 -8.34 3.34 -12.03
C GLY A 127 -7.38 4.51 -11.80
N ALA A 128 -7.16 5.32 -12.82
CA ALA A 128 -6.30 6.53 -12.72
C ALA A 128 -6.93 7.60 -11.81
N VAL A 129 -8.22 7.88 -12.04
CA VAL A 129 -8.99 8.84 -11.23
C VAL A 129 -9.09 8.32 -9.80
N ALA A 130 -9.19 6.99 -9.65
CA ALA A 130 -9.16 6.32 -8.36
C ALA A 130 -10.43 6.58 -7.54
N ASN A 131 -11.57 6.32 -8.18
CA ASN A 131 -12.90 6.58 -7.59
C ASN A 131 -13.63 5.37 -7.00
N ASN A 132 -12.89 4.29 -6.81
CA ASN A 132 -13.45 3.05 -6.33
C ASN A 132 -12.34 2.19 -5.68
N TYR A 133 -12.78 1.43 -4.71
CA TYR A 133 -11.98 0.44 -4.10
C TYR A 133 -11.54 -0.54 -5.18
N PRO A 134 -10.35 -1.16 -5.01
CA PRO A 134 -9.94 -2.17 -5.96
C PRO A 134 -10.95 -3.35 -5.99
N VAL A 135 -11.56 -3.58 -7.16
CA VAL A 135 -12.54 -4.67 -7.37
C VAL A 135 -12.20 -5.50 -8.66
N PRO A 136 -11.90 -6.80 -8.49
CA PRO A 136 -11.81 -7.51 -7.21
C PRO A 136 -10.58 -7.12 -6.38
N ASP A 137 -10.54 -7.59 -5.13
CA ASP A 137 -9.49 -7.26 -4.17
C ASP A 137 -8.07 -7.57 -4.63
N ARG A 138 -7.90 -8.74 -5.23
CA ARG A 138 -6.56 -9.20 -5.59
C ARG A 138 -5.89 -8.46 -6.75
N CYS A 139 -6.62 -8.34 -7.85
CA CYS A 139 -6.12 -7.67 -9.05
C CYS A 139 -7.28 -7.21 -9.94
N LEU A 140 -7.13 -6.03 -10.58
CA LEU A 140 -8.08 -5.55 -11.60
C LEU A 140 -8.00 -6.60 -12.75
N VAL A 141 -9.14 -6.91 -13.37
N VAL A 141 -9.13 -6.94 -13.37
CA VAL A 141 -9.22 -8.01 -14.35
CA VAL A 141 -9.13 -8.05 -14.33
C VAL A 141 -8.47 -7.81 -15.66
C VAL A 141 -8.41 -7.81 -15.66
N ASN A 142 -8.50 -6.60 -16.21
CA ASN A 142 -7.79 -6.33 -17.49
C ASN A 142 -6.31 -6.18 -17.23
N THR A 143 -5.98 -5.43 -16.19
CA THR A 143 -4.61 -5.29 -15.75
C THR A 143 -3.89 -6.63 -15.54
N GLU A 144 -4.55 -7.56 -14.86
CA GLU A 144 -4.00 -8.88 -14.65
C GLU A 144 -3.58 -9.58 -15.97
N LYS A 145 -4.44 -9.52 -16.97
CA LYS A 145 -4.11 -10.12 -18.25
C LYS A 145 -2.86 -9.46 -18.93
N ILE A 146 -2.75 -8.15 -18.79
CA ILE A 146 -1.65 -7.37 -19.34
C ILE A 146 -0.30 -7.73 -18.67
N ILE A 147 -0.30 -7.73 -17.34
CA ILE A 147 0.87 -8.04 -16.57
C ILE A 147 1.30 -9.50 -16.88
N ASN A 148 0.34 -10.42 -16.97
CA ASN A 148 0.59 -11.83 -17.27
C ASN A 148 1.38 -12.04 -18.56
N TYR A 149 0.95 -11.33 -19.62
CA TYR A 149 1.57 -11.35 -20.93
C TYR A 149 2.89 -10.64 -20.98
N PHE A 150 3.01 -9.56 -20.21
CA PHE A 150 4.27 -8.83 -20.05
C PHE A 150 5.34 -9.70 -19.36
N LEU A 151 4.98 -10.36 -18.25
CA LEU A 151 5.87 -11.26 -17.53
C LEU A 151 6.35 -12.41 -18.39
N GLN A 152 5.43 -12.95 -19.18
CA GLN A 152 5.74 -14.02 -20.12
C GLN A 152 6.76 -13.57 -21.19
N GLU A 153 6.49 -12.46 -21.88
CA GLU A 153 7.42 -11.94 -22.86
C GLU A 153 8.77 -11.68 -22.25
N LEU A 154 8.78 -10.96 -21.14
CA LEU A 154 9.99 -10.62 -20.40
C LEU A 154 10.86 -11.78 -19.90
N SER A 155 10.23 -12.81 -19.32
CA SER A 155 11.01 -13.83 -18.67
C SER A 155 10.66 -15.33 -18.83
N TYR A 156 9.58 -15.71 -19.53
CA TYR A 156 9.24 -17.13 -19.64
C TYR A 156 9.82 -17.83 -20.85
N LYS A 157 10.31 -17.06 -21.83
CA LYS A 157 10.89 -17.61 -23.06
C LYS A 157 9.77 -18.35 -23.84
N ASP A 158 9.85 -19.67 -23.95
CA ASP A 158 8.86 -20.44 -24.72
C ASP A 158 7.82 -21.13 -23.85
N ALA A 159 7.77 -20.78 -22.57
CA ALA A 159 6.82 -21.41 -21.67
C ALA A 159 5.53 -20.60 -21.78
N ASN A 160 4.46 -21.25 -22.23
CA ASN A 160 3.16 -20.60 -22.38
C ASN A 160 2.35 -20.79 -21.11
N LEU A 161 2.41 -19.79 -20.23
CA LEU A 161 1.78 -19.87 -18.90
C LEU A 161 0.87 -18.70 -18.54
N ALA A 162 0.87 -17.66 -19.38
CA ALA A 162 0.12 -16.42 -19.15
C ALA A 162 -1.36 -16.61 -18.84
N GLU A 163 -1.96 -17.64 -19.43
CA GLU A 163 -3.38 -17.98 -19.22
C GLU A 163 -3.65 -18.86 -17.99
N GLN A 164 -2.60 -19.45 -17.38
CA GLN A 164 -2.74 -20.33 -16.21
C GLN A 164 -2.12 -19.66 -14.98
N THR A 165 -1.91 -18.36 -15.03
CA THR A 165 -1.21 -17.67 -13.94
C THR A 165 -2.10 -16.61 -13.30
N ASP A 166 -2.10 -16.60 -11.97
CA ASP A 166 -2.86 -15.67 -11.16
C ASP A 166 -1.88 -14.65 -10.59
N LEU A 167 -2.32 -13.38 -10.51
CA LEU A 167 -1.47 -12.31 -10.04
C LEU A 167 -2.05 -11.54 -8.84
N PHE A 168 -1.14 -11.08 -7.97
CA PHE A 168 -1.48 -10.29 -6.77
C PHE A 168 -0.47 -9.15 -6.68
N PRO A 169 -0.84 -7.97 -7.22
CA PRO A 169 -0.04 -6.74 -7.10
C PRO A 169 0.11 -6.28 -5.63
N THR A 170 1.33 -5.84 -5.32
CA THR A 170 1.76 -5.49 -3.99
C THR A 170 2.53 -4.20 -3.98
N GLU A 171 2.71 -3.68 -2.78
CA GLU A 171 3.43 -2.44 -2.54
C GLU A 171 4.97 -2.71 -2.64
N GLY A 172 5.40 -2.99 -3.86
CA GLY A 172 6.79 -3.30 -4.19
C GLY A 172 7.04 -4.77 -3.94
N GLY A 173 8.21 -5.24 -4.35
CA GLY A 173 8.71 -6.55 -3.94
C GLY A 173 8.91 -6.61 -2.41
N THR A 174 9.08 -5.43 -1.80
CA THR A 174 9.16 -5.25 -0.35
C THR A 174 7.94 -5.84 0.35
N ALA A 175 6.74 -5.42 -0.08
CA ALA A 175 5.49 -5.97 0.47
C ALA A 175 5.28 -7.44 0.02
N ALA A 176 5.67 -7.79 -1.20
CA ALA A 176 5.50 -9.14 -1.69
C ALA A 176 6.12 -10.20 -0.76
N ILE A 177 7.35 -9.93 -0.32
CA ILE A 177 8.12 -10.85 0.53
C ILE A 177 7.58 -10.95 1.92
N VAL A 178 7.14 -9.82 2.47
CA VAL A 178 6.52 -9.73 3.80
C VAL A 178 5.22 -10.56 3.81
N TYR A 179 4.38 -10.35 2.80
CA TYR A 179 3.14 -11.12 2.62
C TYR A 179 3.38 -12.62 2.41
N ALA A 180 4.37 -12.97 1.59
CA ALA A 180 4.73 -14.38 1.34
C ALA A 180 5.06 -15.11 2.62
N PHE A 181 5.96 -14.54 3.41
CA PHE A 181 6.37 -15.14 4.67
C PHE A 181 5.27 -15.29 5.71
N HIS A 182 4.42 -14.28 5.81
CA HIS A 182 3.33 -14.27 6.75
C HIS A 182 2.29 -15.33 6.37
N SER A 183 1.87 -15.35 5.12
CA SER A 183 0.87 -16.32 4.63
C SER A 183 1.33 -17.78 4.65
N LEU A 184 2.62 -17.99 4.45
CA LEU A 184 3.21 -19.32 4.59
C LEU A 184 3.19 -19.81 6.06
N ALA A 185 3.38 -18.88 7.00
CA ALA A 185 3.33 -19.20 8.39
C ALA A 185 1.87 -19.46 8.78
N GLU A 186 0.98 -18.57 8.39
CA GLU A 186 -0.44 -18.67 8.73
C GLU A 186 -1.12 -19.90 8.18
N ASN A 187 -0.61 -20.37 7.06
CA ASN A 187 -1.16 -21.54 6.40
C ASN A 187 -0.40 -22.83 6.69
N HIS A 188 0.52 -22.80 7.66
CA HIS A 188 1.25 -23.96 8.12
C HIS A 188 2.13 -24.59 7.07
N LEU A 189 2.61 -23.79 6.13
CA LEU A 189 3.48 -24.24 5.06
C LEU A 189 4.92 -24.10 5.53
N LEU A 190 5.15 -23.12 6.41
CA LEU A 190 6.41 -22.95 7.12
C LEU A 190 6.09 -22.98 8.62
N LYS A 191 6.78 -23.91 9.30
CA LYS A 191 6.63 -24.18 10.72
C LYS A 191 7.96 -24.07 11.38
N LYS A 192 7.93 -23.86 12.70
CA LYS A 192 9.12 -23.73 13.53
C LYS A 192 9.96 -24.98 13.36
N GLY A 193 11.24 -24.82 13.05
CA GLY A 193 12.16 -25.95 12.87
C GLY A 193 12.33 -26.38 11.41
N ASP A 194 11.58 -25.74 10.49
CA ASP A 194 11.69 -26.05 9.06
C ASP A 194 13.01 -25.56 8.48
N LYS A 195 13.54 -26.34 7.54
CA LYS A 195 14.78 -26.01 6.87
C LYS A 195 14.49 -25.34 5.52
N ILE A 196 15.15 -24.21 5.28
CA ILE A 196 14.96 -23.49 4.02
C ILE A 196 16.32 -23.23 3.34
N ALA A 197 16.36 -23.45 2.02
CA ALA A 197 17.54 -23.19 1.20
C ALA A 197 17.47 -21.75 0.64
N ILE A 198 18.59 -21.03 0.74
CA ILE A 198 18.74 -19.65 0.19
C ILE A 198 19.98 -19.62 -0.67
N ASN A 199 19.93 -18.87 -1.78
CA ASN A 199 21.09 -18.76 -2.66
C ASN A 199 22.16 -17.74 -2.22
N GLU A 200 23.42 -18.07 -2.50
CA GLU A 200 24.56 -17.21 -2.18
C GLU A 200 24.60 -16.04 -3.19
N PRO A 201 24.74 -14.78 -2.71
CA PRO A 201 24.86 -14.32 -1.32
C PRO A 201 23.49 -14.07 -0.72
N ILE A 202 23.34 -14.48 0.54
CA ILE A 202 22.07 -14.32 1.23
C ILE A 202 21.73 -12.80 1.31
N PHE A 203 20.52 -12.42 0.85
CA PHE A 203 20.07 -11.03 0.93
C PHE A 203 19.55 -10.86 2.37
N THR A 204 20.42 -10.31 3.22
CA THR A 204 20.18 -10.21 4.68
C THR A 204 18.93 -9.46 5.15
N PRO A 205 18.49 -8.43 4.41
CA PRO A 205 17.21 -7.84 4.84
C PRO A 205 16.06 -8.87 4.98
N TYR A 206 16.05 -9.91 4.14
CA TYR A 206 15.00 -10.94 4.22
C TYR A 206 15.17 -11.82 5.46
N LEU A 207 16.43 -11.99 5.87
CA LEU A 207 16.75 -12.83 7.02
C LEU A 207 16.43 -12.16 8.35
N ARG A 208 16.23 -10.82 8.32
CA ARG A 208 15.82 -10.04 9.47
C ARG A 208 14.32 -10.10 9.76
N ILE A 209 13.54 -10.78 8.90
CA ILE A 209 12.10 -10.98 9.18
CA ILE A 209 12.11 -10.98 9.19
C ILE A 209 12.10 -11.88 10.42
N PRO A 210 11.47 -11.44 11.55
CA PRO A 210 11.54 -12.20 12.85
C PRO A 210 11.33 -13.72 12.82
N GLU A 211 10.40 -14.15 11.97
CA GLU A 211 10.03 -15.57 11.85
C GLU A 211 11.15 -16.44 11.28
N LEU A 212 12.11 -15.86 10.57
CA LEU A 212 13.22 -16.66 10.01
C LEU A 212 14.12 -17.30 11.09
N LYS A 213 14.10 -16.75 12.31
CA LYS A 213 14.85 -17.27 13.47
C LYS A 213 14.33 -18.64 13.86
N ASP A 214 13.05 -18.88 13.62
CA ASP A 214 12.46 -20.19 13.88
C ASP A 214 12.81 -21.25 12.80
N TYR A 215 13.36 -20.83 11.66
CA TYR A 215 13.71 -21.77 10.59
C TYR A 215 15.21 -21.96 10.55
N GLU A 216 15.65 -23.11 10.09
N GLU A 216 15.66 -23.14 10.12
CA GLU A 216 17.08 -23.37 9.94
CA GLU A 216 17.08 -23.36 9.90
C GLU A 216 17.46 -23.03 8.48
C GLU A 216 17.35 -22.91 8.47
N LEU A 217 18.33 -22.04 8.30
CA LEU A 217 18.72 -21.52 6.97
C LEU A 217 19.95 -22.23 6.41
N VAL A 218 19.86 -22.69 5.18
CA VAL A 218 20.99 -23.38 4.52
C VAL A 218 21.33 -22.57 3.24
N GLU A 219 22.56 -22.03 3.21
CA GLU A 219 23.08 -21.24 2.09
C GLU A 219 23.60 -22.20 1.03
N VAL A 220 23.11 -22.06 -0.19
CA VAL A 220 23.52 -22.90 -1.32
C VAL A 220 24.25 -22.07 -2.40
N ASP A 221 25.38 -22.59 -2.87
CA ASP A 221 26.19 -21.99 -3.95
C ASP A 221 26.01 -22.84 -5.22
N LEU A 222 25.27 -22.32 -6.19
CA LEU A 222 24.97 -23.07 -7.41
C LEU A 222 25.80 -22.63 -8.60
N HIS A 223 26.93 -21.98 -8.34
CA HIS A 223 27.87 -21.58 -9.38
C HIS A 223 28.71 -22.76 -9.81
N SER A 224 29.06 -22.79 -11.10
CA SER A 224 29.93 -23.83 -11.65
C SER A 224 31.39 -23.34 -11.70
N TYR A 225 32.27 -24.10 -11.07
CA TYR A 225 33.68 -23.76 -10.94
C TYR A 225 34.59 -24.65 -11.79
N GLU A 226 35.77 -24.11 -12.09
CA GLU A 226 36.78 -24.86 -12.82
C GLU A 226 37.35 -25.97 -11.89
N LYS A 227 37.22 -25.77 -10.59
CA LYS A 227 37.58 -26.78 -9.60
C LYS A 227 36.97 -28.12 -10.11
N ASN A 228 35.67 -28.07 -10.46
CA ASN A 228 34.98 -29.21 -11.06
C ASN A 228 35.13 -29.12 -12.58
N ASP A 229 34.51 -30.02 -13.34
CA ASP A 229 34.60 -29.91 -14.79
C ASP A 229 33.52 -28.89 -15.17
N TRP A 230 33.71 -27.67 -14.67
CA TRP A 230 32.75 -26.59 -14.84
C TRP A 230 31.35 -27.01 -14.43
N GLU A 231 31.26 -27.54 -13.21
CA GLU A 231 29.99 -27.98 -12.64
C GLU A 231 29.81 -27.62 -11.18
N ILE A 232 28.56 -27.68 -10.72
CA ILE A 232 28.23 -27.32 -9.34
C ILE A 232 28.81 -28.35 -8.37
N GLU A 233 29.34 -27.86 -7.25
CA GLU A 233 29.94 -28.72 -6.25
C GLU A 233 28.92 -29.75 -5.76
N PRO A 234 29.25 -31.05 -5.89
CA PRO A 234 28.37 -32.14 -5.43
C PRO A 234 27.75 -31.86 -4.06
N ASN A 235 28.56 -31.29 -3.16
CA ASN A 235 28.13 -30.95 -1.82
C ASN A 235 27.01 -29.88 -1.77
N GLU A 236 27.08 -28.92 -2.68
CA GLU A 236 26.07 -27.87 -2.77
C GLU A 236 24.79 -28.47 -3.33
N ILE A 237 24.92 -29.43 -4.23
CA ILE A 237 23.79 -30.15 -4.81
C ILE A 237 23.05 -30.97 -3.77
N GLU A 238 23.78 -31.63 -2.87
CA GLU A 238 23.17 -32.43 -1.80
C GLU A 238 22.49 -31.57 -0.74
N LYS A 239 23.02 -30.38 -0.49
CA LYS A 239 22.41 -29.41 0.41
C LYS A 239 21.04 -28.98 -0.11
N LEU A 240 20.96 -28.83 -1.44
CA LEU A 240 19.77 -28.41 -2.17
C LEU A 240 18.71 -29.49 -2.24
N LYS A 241 19.18 -30.71 -2.50
CA LYS A 241 18.34 -31.88 -2.65
C LYS A 241 18.03 -32.66 -1.34
N ASP A 242 18.41 -32.04 -0.23
CA ASP A 242 18.14 -32.54 1.12
C ASP A 242 16.59 -32.72 1.25
N PRO A 243 16.14 -33.93 1.62
CA PRO A 243 14.69 -34.11 1.74
C PRO A 243 14.05 -33.19 2.78
N SER A 244 14.87 -32.64 3.68
CA SER A 244 14.40 -31.73 4.73
C SER A 244 14.27 -30.25 4.30
N ILE A 245 14.78 -29.87 3.14
CA ILE A 245 14.58 -28.53 2.58
C ILE A 245 13.12 -28.47 2.18
N LYS A 246 12.39 -27.58 2.82
CA LYS A 246 10.94 -27.41 2.60
C LYS A 246 10.60 -26.28 1.58
N ALA A 247 11.50 -25.31 1.50
CA ALA A 247 11.35 -24.16 0.62
C ALA A 247 12.73 -23.66 0.17
N LEU A 248 12.78 -23.20 -1.07
CA LEU A 248 13.97 -22.61 -1.68
C LEU A 248 13.59 -21.15 -1.91
N ILE A 249 14.30 -20.22 -1.29
CA ILE A 249 14.01 -18.79 -1.47
C ILE A 249 15.20 -18.16 -2.18
N VAL A 250 15.00 -17.70 -3.43
CA VAL A 250 16.08 -17.13 -4.21
C VAL A 250 15.86 -15.72 -4.75
N VAL A 251 16.98 -15.03 -4.96
CA VAL A 251 17.05 -13.70 -5.56
C VAL A 251 17.84 -13.96 -6.84
N ASN A 252 17.13 -13.91 -7.95
CA ASN A 252 17.66 -14.22 -9.28
C ASN A 252 17.29 -13.26 -10.46
N PRO A 253 18.27 -12.48 -10.97
CA PRO A 253 19.68 -12.31 -10.58
C PRO A 253 19.91 -11.79 -9.16
N THR A 254 21.09 -12.10 -8.66
CA THR A 254 21.50 -11.78 -7.33
C THR A 254 21.87 -10.31 -7.07
N ASN A 255 21.68 -9.92 -5.82
CA ASN A 255 22.09 -8.63 -5.28
C ASN A 255 23.07 -8.97 -4.13
N PRO A 256 24.33 -8.49 -4.18
CA PRO A 256 24.93 -7.59 -5.17
C PRO A 256 25.85 -8.26 -6.18
N THR A 257 25.86 -9.59 -6.25
CA THR A 257 26.80 -10.26 -7.15
C THR A 257 26.40 -10.15 -8.62
N SER A 258 25.12 -9.79 -8.87
CA SER A 258 24.59 -9.45 -10.21
C SER A 258 24.61 -10.57 -11.25
N LYS A 259 24.36 -11.80 -10.82
CA LYS A 259 24.42 -12.93 -11.72
C LYS A 259 23.13 -13.71 -11.77
N GLU A 260 22.70 -14.08 -12.99
CA GLU A 260 21.49 -14.90 -13.14
C GLU A 260 21.89 -16.37 -13.06
N PHE A 261 20.95 -17.23 -12.73
CA PHE A 261 21.24 -18.66 -12.71
C PHE A 261 21.47 -19.14 -14.14
N ASP A 262 22.57 -19.86 -14.35
CA ASP A 262 22.86 -20.45 -15.65
C ASP A 262 22.12 -21.80 -15.75
N THR A 263 22.37 -22.51 -16.85
CA THR A 263 21.75 -23.81 -17.13
C THR A 263 21.99 -24.92 -16.08
N ASN A 264 23.22 -25.03 -15.57
CA ASN A 264 23.52 -26.02 -14.50
C ASN A 264 22.69 -25.76 -13.24
N ALA A 265 22.55 -24.47 -12.87
CA ALA A 265 21.79 -24.06 -11.69
C ALA A 265 20.30 -24.31 -11.91
N LEU A 266 19.75 -23.90 -13.06
CA LEU A 266 18.34 -24.17 -13.35
C LEU A 266 18.02 -25.67 -13.44
N ASN A 267 18.99 -26.45 -13.92
CA ASN A 267 18.85 -27.92 -14.03
C ASN A 267 18.83 -28.54 -12.64
N ALA A 268 19.75 -28.10 -11.79
CA ALA A 268 19.83 -28.53 -10.38
C ALA A 268 18.51 -28.30 -9.64
N ILE A 269 17.89 -27.14 -9.90
CA ILE A 269 16.62 -26.79 -9.29
C ILE A 269 15.48 -27.70 -9.81
N LYS A 270 15.41 -27.89 -11.12
CA LYS A 270 14.40 -28.76 -11.73
C LYS A 270 14.55 -30.21 -11.20
N GLN A 271 15.79 -30.65 -10.98
CA GLN A 271 16.09 -31.97 -10.42
C GLN A 271 15.65 -32.07 -8.95
N ALA A 272 15.83 -31.00 -8.18
CA ALA A 272 15.39 -30.95 -6.80
C ALA A 272 13.85 -31.09 -6.74
N VAL A 273 13.16 -30.43 -7.63
CA VAL A 273 11.70 -30.57 -7.75
C VAL A 273 11.27 -31.97 -8.25
N GLU A 274 12.01 -32.54 -9.20
CA GLU A 274 11.77 -33.91 -9.67
C GLU A 274 11.85 -34.85 -8.46
N LYS A 275 12.85 -34.63 -7.60
CA LYS A 275 13.08 -35.43 -6.40
C LYS A 275 12.04 -35.18 -5.29
N ASN A 276 11.69 -33.91 -5.09
CA ASN A 276 10.74 -33.52 -4.05
C ASN A 276 9.63 -32.66 -4.61
N PRO A 277 8.58 -33.31 -5.15
CA PRO A 277 7.43 -32.64 -5.76
C PRO A 277 6.73 -31.59 -4.86
N LYS A 278 6.93 -31.70 -3.55
CA LYS A 278 6.37 -30.75 -2.57
C LYS A 278 7.26 -29.54 -2.28
N LEU A 279 8.42 -29.44 -2.93
CA LEU A 279 9.30 -28.28 -2.74
C LEU A 279 8.62 -27.00 -3.16
N ILE A 281 9.15 -22.88 -3.86
CA ILE A 281 10.17 -21.96 -4.32
C ILE A 281 9.58 -20.55 -4.43
N ILE A 282 10.30 -19.59 -3.87
CA ILE A 282 9.98 -18.19 -4.05
C ILE A 282 11.16 -17.69 -4.82
N SER A 283 10.94 -17.07 -5.98
CA SER A 283 12.01 -16.47 -6.78
C SER A 283 11.77 -14.95 -6.99
N ASP A 284 12.66 -14.16 -6.40
CA ASP A 284 12.65 -12.71 -6.51
C ASP A 284 13.48 -12.34 -7.74
N GLU A 285 12.78 -11.96 -8.81
CA GLU A 285 13.41 -11.73 -10.13
C GLU A 285 13.44 -10.29 -10.69
N VAL A 286 13.39 -9.31 -9.81
CA VAL A 286 13.49 -7.87 -10.14
C VAL A 286 14.59 -7.47 -11.16
N TYR A 287 15.76 -8.15 -11.16
CA TYR A 287 16.89 -7.81 -12.06
C TYR A 287 16.93 -8.57 -13.39
N GLY A 288 15.93 -9.41 -13.61
CA GLY A 288 15.84 -10.24 -14.79
C GLY A 288 16.04 -9.59 -16.16
N ALA A 289 15.33 -8.49 -16.39
CA ALA A 289 15.38 -7.71 -17.62
C ALA A 289 16.75 -7.12 -17.99
N PHE A 290 17.69 -7.13 -17.05
CA PHE A 290 19.00 -6.54 -17.22
C PHE A 290 19.98 -7.54 -17.81
N VAL A 291 19.56 -8.79 -17.93
CA VAL A 291 20.39 -9.79 -18.61
C VAL A 291 19.67 -10.22 -19.88
N PRO A 292 20.43 -10.30 -20.98
CA PRO A 292 19.79 -10.79 -22.22
C PRO A 292 19.35 -12.27 -22.07
N ASN A 293 18.21 -12.62 -22.66
CA ASN A 293 17.70 -13.99 -22.61
C ASN A 293 17.47 -14.55 -21.20
N PHE A 294 16.92 -13.72 -20.32
CA PHE A 294 16.58 -14.16 -18.99
C PHE A 294 15.50 -15.25 -18.99
N LYS A 295 15.72 -16.24 -18.14
CA LYS A 295 14.87 -17.38 -18.00
C LYS A 295 14.43 -17.47 -16.56
N SER A 296 13.14 -17.19 -16.33
CA SER A 296 12.53 -17.25 -14.99
C SER A 296 12.45 -18.66 -14.43
N ILE A 297 12.65 -18.79 -13.11
CA ILE A 297 12.54 -20.05 -12.41
C ILE A 297 11.09 -20.56 -12.53
N TYR A 298 10.15 -19.62 -12.59
CA TYR A 298 8.72 -19.88 -12.79
C TYR A 298 8.47 -20.53 -14.17
N SER A 299 9.21 -20.09 -15.17
CA SER A 299 9.11 -20.67 -16.48
C SER A 299 9.65 -22.12 -16.50
N VAL A 300 10.60 -22.46 -15.60
CA VAL A 300 11.16 -23.81 -15.53
C VAL A 300 10.32 -24.78 -14.66
N VAL A 301 9.89 -24.35 -13.49
CA VAL A 301 9.13 -25.21 -12.57
C VAL A 301 7.90 -24.41 -12.05
N PRO A 302 6.95 -24.11 -12.95
CA PRO A 302 5.78 -23.26 -12.63
C PRO A 302 4.86 -23.77 -11.52
N TYR A 303 4.70 -25.08 -11.41
CA TYR A 303 3.83 -25.68 -10.37
C TYR A 303 4.32 -25.40 -8.93
N ASN A 304 5.64 -25.27 -8.80
CA ASN A 304 6.33 -25.15 -7.54
C ASN A 304 6.83 -23.78 -7.12
N THR A 305 6.64 -22.78 -7.98
CA THR A 305 7.21 -21.47 -7.80
C THR A 305 6.29 -20.28 -7.61
N LEU A 307 6.49 -16.46 -8.04
CA LEU A 307 7.32 -15.47 -8.68
C LEU A 307 7.04 -14.10 -8.05
N VAL A 308 8.12 -13.44 -7.63
CA VAL A 308 8.02 -12.09 -7.08
C VAL A 308 8.71 -11.16 -8.06
N TYR A 309 7.92 -10.29 -8.69
CA TYR A 309 8.44 -9.31 -9.63
C TYR A 309 8.29 -7.92 -9.03
N SER A 310 9.22 -7.02 -9.43
CA SER A 310 9.14 -5.61 -9.10
C SER A 310 9.51 -4.78 -10.32
N TYR A 311 8.71 -3.75 -10.60
CA TYR A 311 8.93 -2.79 -11.69
C TYR A 311 10.01 -1.78 -11.33
N SER A 312 10.33 -1.65 -10.04
CA SER A 312 11.26 -0.64 -9.47
C SER A 312 12.53 -0.31 -10.22
N LEU A 314 13.95 -1.51 -13.32
CA LEU A 314 13.97 -1.31 -14.76
C LEU A 314 13.36 0.03 -15.15
N PHE A 315 12.22 0.36 -14.56
CA PHE A 315 11.44 1.52 -14.95
C PHE A 315 11.69 2.77 -14.13
N GLY A 316 12.61 2.68 -13.16
CA GLY A 316 12.92 3.80 -12.31
C GLY A 316 11.67 4.35 -11.60
N CYS A 317 10.94 3.46 -10.94
CA CYS A 317 9.70 3.81 -10.24
C CYS A 317 9.68 3.30 -8.81
N THR A 318 10.83 3.38 -8.13
CA THR A 318 10.92 2.93 -6.73
C THR A 318 9.93 3.62 -5.79
N GLY A 319 9.56 4.87 -6.07
CA GLY A 319 8.59 5.60 -5.27
C GLY A 319 7.14 5.19 -5.42
N TRP A 320 6.81 4.60 -6.58
CA TRP A 320 5.46 4.03 -6.87
C TRP A 320 5.10 2.75 -6.11
N ARG A 321 6.13 2.01 -5.65
CA ARG A 321 5.94 0.77 -4.87
CA ARG A 321 6.00 0.75 -4.90
C ARG A 321 5.15 -0.23 -5.70
N LEU A 322 5.76 -0.68 -6.78
CA LEU A 322 5.11 -1.57 -7.73
C LEU A 322 5.68 -2.97 -7.82
N GLY A 323 5.05 -3.90 -7.11
CA GLY A 323 5.40 -5.30 -7.17
C GLY A 323 4.22 -6.18 -7.55
N VAL A 324 4.53 -7.42 -7.89
CA VAL A 324 3.51 -8.38 -8.28
C VAL A 324 3.92 -9.75 -7.71
N ILE A 325 2.96 -10.50 -7.15
CA ILE A 325 3.17 -11.91 -6.80
C ILE A 325 2.46 -12.73 -7.88
N ALA A 326 3.15 -13.70 -8.48
CA ALA A 326 2.61 -14.63 -9.49
C ALA A 326 2.62 -16.10 -9.04
N LEU A 327 1.47 -16.73 -9.13
CA LEU A 327 1.31 -18.17 -8.85
C LEU A 327 0.56 -18.87 -9.99
N ASN A 328 0.91 -20.11 -10.27
CA ASN A 328 0.19 -20.84 -11.30
C ASN A 328 -1.17 -21.20 -10.73
N GLU A 329 -2.21 -21.27 -11.57
CA GLU A 329 -3.53 -21.62 -11.06
C GLU A 329 -3.53 -23.02 -10.45
N LYS A 330 -2.68 -23.91 -10.98
CA LYS A 330 -2.44 -25.22 -10.38
C LYS A 330 -1.01 -25.17 -9.74
N ASN A 331 -0.94 -25.13 -8.42
CA ASN A 331 0.35 -25.03 -7.73
C ASN A 331 0.53 -25.89 -6.47
N VAL A 332 1.81 -25.99 -6.06
CA VAL A 332 2.23 -26.78 -4.91
C VAL A 332 1.84 -26.17 -3.54
N PHE A 333 1.63 -24.87 -3.49
CA PHE A 333 1.23 -24.22 -2.22
C PHE A 333 -0.21 -24.68 -1.88
N ASP A 334 -1.09 -24.68 -2.87
CA ASP A 334 -2.47 -25.15 -2.69
C ASP A 334 -2.51 -26.64 -2.42
N ASP A 335 -1.69 -27.42 -3.12
CA ASP A 335 -1.64 -28.87 -2.91
C ASP A 335 -1.10 -29.20 -1.50
N ASN A 336 -0.03 -28.51 -1.07
CA ASN A 336 0.48 -28.74 0.28
C ASN A 336 -0.53 -28.38 1.39
N ILE A 337 -1.29 -27.30 1.21
CA ILE A 337 -2.35 -26.99 2.17
C ILE A 337 -3.37 -28.15 2.21
N ALA A 338 -3.72 -28.66 1.04
CA ALA A 338 -4.64 -29.81 0.90
C ALA A 338 -4.18 -31.09 1.64
N HIS A 339 -2.86 -31.27 1.79
CA HIS A 339 -2.30 -32.43 2.50
C HIS A 339 -1.94 -32.20 3.97
N LEU A 340 -2.38 -31.08 4.55
CA LEU A 340 -2.21 -30.84 5.97
C LEU A 340 -3.17 -31.72 6.77
N ASP A 341 -2.88 -31.86 8.06
CA ASP A 341 -3.73 -32.63 9.00
C ASP A 341 -5.10 -32.04 9.12
N LYS A 342 -6.10 -32.88 9.29
CA LYS A 342 -7.48 -32.40 9.50
C LYS A 342 -7.55 -31.29 10.55
N VAL A 343 -6.72 -31.38 11.57
CA VAL A 343 -6.67 -30.42 12.66
C VAL A 343 -6.26 -29.05 12.16
N GLU A 344 -5.20 -28.99 11.35
CA GLU A 344 -4.70 -27.73 10.79
C GLU A 344 -5.71 -27.19 9.80
N LEU A 345 -6.21 -28.07 8.94
CA LEU A 345 -7.23 -27.72 7.96
C LEU A 345 -8.51 -27.15 8.58
N ARG A 346 -8.84 -27.61 9.77
CA ARG A 346 -10.01 -27.14 10.49
C ARG A 346 -9.74 -25.75 11.08
N GLN A 347 -8.48 -25.49 11.45
CA GLN A 347 -8.14 -24.16 11.92
C GLN A 347 -8.16 -23.15 10.73
N LEU A 348 -7.70 -23.57 9.55
CA LEU A 348 -7.71 -22.74 8.31
C LEU A 348 -9.13 -22.56 7.76
N HIS A 349 -9.99 -23.55 7.98
CA HIS A 349 -11.37 -23.45 7.56
C HIS A 349 -12.02 -22.27 8.29
N LYS A 350 -11.91 -22.27 9.61
CA LYS A 350 -12.40 -21.22 10.48
C LYS A 350 -11.72 -19.84 10.21
N ARG A 351 -10.41 -19.86 9.93
CA ARG A 351 -9.65 -18.63 9.67
C ARG A 351 -10.28 -17.79 8.56
N TYR A 352 -10.60 -18.47 7.46
CA TYR A 352 -11.14 -17.87 6.26
C TYR A 352 -12.67 -17.88 6.09
N SER A 353 -13.40 -18.65 6.90
CA SER A 353 -14.85 -18.78 6.75
C SER A 353 -15.61 -17.51 7.10
N SER A 354 -15.03 -16.70 7.98
CA SER A 354 -15.64 -15.43 8.34
C SER A 354 -15.94 -14.55 7.12
N VAL A 355 -15.08 -14.61 6.11
CA VAL A 355 -15.13 -13.75 4.95
C VAL A 355 -15.42 -14.43 3.59
N VAL A 356 -15.21 -15.76 3.47
CA VAL A 356 -15.54 -16.49 2.23
C VAL A 356 -16.49 -17.71 2.47
N LEU A 357 -17.31 -18.03 1.48
CA LEU A 357 -18.25 -19.17 1.55
C LEU A 357 -17.62 -20.57 1.52
N ASP A 358 -16.55 -20.75 0.75
CA ASP A 358 -15.88 -22.04 0.59
C ASP A 358 -14.37 -21.92 0.90
N PRO A 359 -14.02 -21.73 2.17
CA PRO A 359 -12.63 -21.53 2.58
C PRO A 359 -11.66 -22.67 2.21
N ASP A 360 -12.13 -23.90 2.16
CA ASP A 360 -11.26 -25.05 1.83
C ASP A 360 -10.75 -24.97 0.40
N LYS A 361 -11.50 -24.32 -0.50
CA LYS A 361 -11.08 -24.18 -1.89
C LYS A 361 -10.56 -22.78 -2.23
N LYS A 363 -7.92 -20.27 -2.91
CA LYS A 363 -6.54 -20.34 -3.40
C LYS A 363 -5.58 -19.52 -2.54
N PHE A 364 -4.33 -20.01 -2.45
CA PHE A 364 -3.29 -19.34 -1.71
C PHE A 364 -3.05 -17.90 -2.21
N ILE A 365 -3.15 -17.67 -3.52
CA ILE A 365 -3.04 -16.30 -4.10
C ILE A 365 -4.12 -15.37 -3.49
N ASP A 366 -5.28 -15.91 -3.13
CA ASP A 366 -6.33 -15.14 -2.48
C ASP A 366 -6.13 -15.06 -0.98
N ARG A 367 -5.53 -16.09 -0.38
CA ARG A 367 -5.20 -16.04 1.05
C ARG A 367 -4.12 -15.03 1.31
N LEU A 368 -3.16 -14.92 0.39
CA LEU A 368 -2.12 -13.88 0.41
C LEU A 368 -2.75 -12.49 0.52
N CYS A 369 -3.78 -12.25 -0.28
CA CYS A 369 -4.54 -11.01 -0.24
C CYS A 369 -5.37 -10.84 1.08
N ALA A 370 -6.12 -11.86 1.47
CA ALA A 370 -6.86 -11.79 2.76
C ALA A 370 -5.91 -11.57 3.93
N ASP A 371 -4.82 -12.32 3.94
CA ASP A 371 -3.84 -12.29 5.03
C ASP A 371 -3.23 -10.93 5.19
N SER A 372 -2.99 -10.26 4.07
CA SER A 372 -2.35 -8.93 4.03
C SER A 372 -3.12 -7.86 4.74
N ARG A 373 -4.44 -8.08 4.92
CA ARG A 373 -5.26 -7.13 5.67
C ARG A 373 -5.98 -7.83 6.83
N SER A 374 -5.34 -8.88 7.37
CA SER A 374 -5.80 -9.60 8.55
C SER A 374 -7.23 -10.09 8.47
N ILE A 375 -7.57 -10.69 7.32
CA ILE A 375 -8.88 -11.31 7.09
C ILE A 375 -10.07 -10.33 7.11
N GLY A 376 -10.30 -9.68 8.24
CA GLY A 376 -11.43 -8.77 8.40
C GLY A 376 -11.54 -7.65 7.39
N LEU A 377 -10.40 -7.12 6.94
CA LEU A 377 -10.37 -6.04 5.97
C LEU A 377 -10.04 -6.49 4.55
N TYR A 378 -10.20 -7.78 4.29
CA TYR A 378 -10.01 -8.36 2.97
C TYR A 378 -10.81 -7.68 1.84
N HIS A 379 -12.05 -7.29 2.08
CA HIS A 379 -12.85 -6.69 0.99
C HIS A 379 -12.54 -5.22 0.63
N THR A 380 -11.53 -4.65 1.28
CA THR A 380 -10.99 -3.36 0.90
C THR A 380 -9.48 -3.49 0.77
N ALA A 381 -9.01 -4.73 0.55
CA ALA A 381 -7.60 -5.06 0.33
C ALA A 381 -7.27 -4.79 -1.12
N GLY A 382 -6.00 -4.95 -1.46
CA GLY A 382 -5.55 -4.70 -2.81
C GLY A 382 -4.68 -3.48 -2.94
N LEU A 383 -3.80 -3.51 -3.94
CA LEU A 383 -2.92 -2.37 -4.20
C LEU A 383 -3.78 -1.25 -4.80
N SER A 384 -3.42 0.02 -4.53
CA SER A 384 -4.18 1.17 -5.08
C SER A 384 -4.33 1.01 -6.60
N THR A 385 -5.45 1.50 -7.12
CA THR A 385 -5.74 1.45 -8.55
C THR A 385 -4.75 2.31 -9.36
N PRO A 386 -4.35 3.49 -8.85
CA PRO A 386 -3.29 4.16 -9.61
C PRO A 386 -1.99 3.36 -9.78
N GLN A 387 -1.60 2.61 -8.75
CA GLN A 387 -0.41 1.74 -8.82
C GLN A 387 -0.61 0.60 -9.80
N GLN A 388 -1.82 0.03 -9.83
CA GLN A 388 -2.13 -1.06 -10.75
C GLN A 388 -2.16 -0.64 -12.20
N ILE A 389 -2.69 0.57 -12.47
CA ILE A 389 -2.70 1.13 -13.80
C ILE A 389 -1.26 1.47 -14.30
N GLU A 391 1.45 -0.14 -13.27
CA GLU A 391 1.95 -1.45 -13.59
C GLU A 391 1.50 -1.87 -14.99
N ALA A 392 0.20 -1.68 -15.30
CA ALA A 392 -0.38 -1.99 -16.62
C ALA A 392 0.26 -1.16 -17.74
N LEU A 393 0.39 0.14 -17.52
CA LEU A 393 1.02 1.04 -18.52
C LEU A 393 2.52 0.73 -18.75
N PHE A 394 3.32 0.53 -17.70
CA PHE A 394 4.73 0.17 -17.95
C PHE A 394 4.78 -1.13 -18.76
N SER A 395 3.89 -2.06 -18.38
CA SER A 395 3.75 -3.36 -19.05
C SER A 395 3.40 -3.21 -20.54
N THR A 397 4.10 -0.59 -22.41
CA THR A 397 5.16 0.03 -23.23
C THR A 397 6.03 -1.04 -23.85
N HIS A 398 6.21 -2.11 -23.10
CA HIS A 398 6.95 -3.27 -23.50
C HIS A 398 6.25 -4.14 -24.55
N LEU A 399 4.99 -4.47 -24.28
CA LEU A 399 4.18 -5.31 -25.18
C LEU A 399 4.11 -4.74 -26.59
N LEU A 400 4.04 -3.42 -26.67
CA LEU A 400 4.02 -2.67 -27.91
C LEU A 400 5.35 -2.58 -28.68
N THR A 401 6.49 -2.78 -28.02
CA THR A 401 7.78 -2.53 -28.66
C THR A 401 8.79 -3.66 -28.43
N SER A 402 8.35 -4.81 -27.95
CA SER A 402 9.28 -5.91 -27.66
C SER A 402 9.95 -6.53 -28.88
N THR A 403 11.15 -7.02 -28.65
CA THR A 403 11.96 -7.68 -29.68
C THR A 403 12.58 -8.92 -29.05
N ASN A 404 13.27 -9.70 -29.86
CA ASN A 404 13.89 -10.94 -29.42
C ASN A 404 12.92 -11.87 -28.66
N GLY A 405 11.74 -12.08 -29.22
CA GLY A 405 10.74 -12.96 -28.62
C GLY A 405 9.95 -12.40 -27.46
N GLY A 406 10.32 -11.22 -26.99
CA GLY A 406 9.64 -10.58 -25.87
C GLY A 406 10.64 -10.14 -24.80
N SER A 407 11.85 -10.69 -24.84
CA SER A 407 12.93 -10.39 -23.90
C SER A 407 13.41 -8.95 -23.82
N ASP A 408 13.52 -8.33 -25.00
CA ASP A 408 14.05 -6.99 -25.15
C ASP A 408 12.99 -5.98 -25.61
N ASP A 409 13.31 -4.70 -25.43
CA ASP A 409 12.53 -3.59 -25.98
C ASP A 409 13.55 -2.44 -26.04
N PRO A 410 13.27 -1.36 -26.81
CA PRO A 410 14.25 -0.26 -26.93
C PRO A 410 14.69 0.38 -25.61
N TYR A 411 13.74 0.55 -24.68
CA TYR A 411 14.03 1.15 -23.39
C TYR A 411 14.92 0.22 -22.55
N ILE A 412 14.63 -1.07 -22.59
CA ILE A 412 15.41 -2.09 -21.94
C ILE A 412 16.85 -2.08 -22.43
N ASP A 413 17.03 -1.97 -23.75
CA ASP A 413 18.34 -1.97 -24.34
C ASP A 413 19.16 -0.78 -23.82
N ILE A 414 18.53 0.40 -23.74
CA ILE A 414 19.15 1.63 -23.21
C ILE A 414 19.54 1.45 -21.74
N ALA A 415 18.65 0.87 -20.93
CA ALA A 415 18.88 0.59 -19.50
C ALA A 415 20.10 -0.34 -19.31
N ARG A 416 20.20 -1.42 -20.10
CA ARG A 416 21.37 -2.32 -20.04
C ARG A 416 22.68 -1.61 -20.39
N LYS A 417 22.63 -0.79 -21.42
CA LYS A 417 23.78 -0.02 -21.88
C LYS A 417 24.19 1.02 -20.86
N LEU A 418 23.21 1.60 -20.16
CA LEU A 418 23.48 2.60 -19.14
C LEU A 418 24.23 1.98 -17.95
N VAL A 419 23.73 0.87 -17.39
CA VAL A 419 24.44 0.22 -16.26
C VAL A 419 25.79 -0.41 -16.63
N SER A 420 25.93 -0.86 -17.89
CA SER A 420 27.21 -1.43 -18.40
C SER A 420 28.27 -0.36 -18.66
N GLU A 421 27.83 0.80 -19.12
CA GLU A 421 28.73 1.91 -19.36
C GLU A 421 29.29 2.39 -18.00
N ARG A 422 28.40 2.52 -17.02
CA ARG A 422 28.80 2.92 -15.68
C ARG A 422 29.80 1.92 -15.04
N TYR A 423 29.53 0.65 -15.30
CA TYR A 423 30.32 -0.45 -14.80
C TYR A 423 31.73 -0.44 -15.40
N ASP A 424 31.80 -0.41 -16.74
CA ASP A 424 33.07 -0.35 -17.47
C ASP A 424 33.93 0.86 -17.06
N GLN A 425 33.26 1.99 -16.88
CA GLN A 425 33.89 3.26 -16.52
C GLN A 425 34.66 3.13 -15.19
N LEU A 426 33.95 2.58 -14.19
CA LEU A 426 34.46 2.32 -12.83
C LEU A 426 35.64 1.35 -12.85
N HIS A 427 35.40 0.19 -13.46
CA HIS A 427 36.41 -0.88 -13.59
C HIS A 427 37.63 -0.50 -14.40
N ASP A 428 37.49 0.30 -15.45
CA ASP A 428 38.67 0.69 -16.24
C ASP A 428 39.52 1.72 -15.48
N ALA A 429 38.85 2.63 -14.75
CA ALA A 429 39.52 3.67 -13.98
C ALA A 429 40.26 3.04 -12.80
N GLN A 431 41.24 -0.23 -12.74
CA GLN A 431 42.03 -1.35 -13.21
C GLN A 431 41.62 -2.62 -12.46
N ALA A 432 40.30 -2.78 -12.32
CA ALA A 432 39.67 -3.92 -11.65
C ALA A 432 39.19 -4.97 -12.68
N PRO A 433 39.18 -6.27 -12.31
CA PRO A 433 38.76 -7.35 -13.23
C PRO A 433 37.28 -7.28 -13.64
N LYS A 434 37.02 -7.33 -14.94
CA LYS A 434 35.66 -7.26 -15.46
C LYS A 434 35.05 -8.63 -15.80
N ASP A 435 33.75 -8.76 -15.54
CA ASP A 435 32.95 -9.92 -15.90
C ASP A 435 32.06 -9.45 -17.06
N GLU A 436 32.32 -9.90 -18.29
CA GLU A 436 31.52 -9.43 -19.47
C GLU A 436 30.55 -10.47 -20.06
N THR A 437 30.32 -11.57 -19.34
CA THR A 437 29.37 -12.59 -19.74
C THR A 437 27.92 -12.04 -19.85
N ASP A 438 27.09 -12.78 -20.57
CA ASP A 438 25.64 -12.49 -20.71
C ASP A 438 24.85 -12.78 -19.42
N THR A 439 25.55 -13.25 -18.40
CA THR A 439 24.93 -13.57 -17.12
C THR A 439 25.06 -12.46 -16.07
N ASN A 440 25.84 -11.41 -16.39
CA ASN A 440 25.99 -10.25 -15.50
C ASN A 440 25.05 -9.09 -15.89
N THR A 441 24.26 -8.64 -14.91
CA THR A 441 23.32 -7.54 -15.06
C THR A 441 24.03 -6.17 -15.04
N HIS A 442 25.25 -6.17 -14.48
CA HIS A 442 26.09 -4.99 -14.27
C HIS A 442 25.41 -3.93 -13.39
N TYR A 443 24.44 -4.32 -12.59
CA TYR A 443 23.69 -3.39 -11.76
C TYR A 443 24.51 -2.97 -10.54
N TYR A 444 25.26 -3.93 -10.00
CA TYR A 444 26.16 -3.71 -8.89
C TYR A 444 27.53 -4.25 -9.24
N SER A 445 28.54 -3.71 -8.57
CA SER A 445 29.87 -4.26 -8.68
C SER A 445 30.50 -4.52 -7.28
N LEU A 446 31.24 -5.63 -7.22
CA LEU A 446 31.93 -6.07 -6.02
C LEU A 446 33.37 -6.18 -6.44
N ILE A 447 34.20 -5.27 -5.94
CA ILE A 447 35.63 -5.22 -6.29
C ILE A 447 36.44 -5.54 -5.08
N ASP A 448 37.40 -6.46 -5.24
CA ASP A 448 38.31 -6.88 -4.17
C ASP A 448 39.48 -5.87 -4.10
N ILE A 449 39.36 -4.93 -3.15
CA ILE A 449 40.33 -3.86 -2.95
C ILE A 449 41.61 -4.39 -2.34
N TYR A 450 41.50 -5.49 -1.57
CA TYR A 450 42.66 -6.16 -0.99
C TYR A 450 43.50 -6.84 -2.06
N ARG A 451 42.86 -7.49 -3.03
CA ARG A 451 43.58 -8.16 -4.13
C ARG A 451 44.22 -7.10 -5.04
N LEU A 452 43.52 -5.96 -5.16
CA LEU A 452 43.98 -4.84 -6.00
C LEU A 452 45.18 -4.14 -5.33
N ALA A 453 45.11 -3.95 -4.01
CA ALA A 453 46.21 -3.36 -3.21
C ALA A 453 47.48 -4.21 -3.19
N GLU A 454 47.30 -5.53 -3.27
CA GLU A 454 48.39 -6.51 -3.31
C GLU A 454 49.09 -6.51 -4.67
N LYS A 455 48.29 -6.42 -5.73
CA LYS A 455 48.79 -6.37 -7.11
C LYS A 455 49.68 -5.13 -7.33
N ILE A 456 49.23 -3.98 -6.83
CA ILE A 456 49.96 -2.71 -7.01
C ILE A 456 51.18 -2.52 -6.09
N TYR A 457 51.04 -2.90 -4.82
CA TYR A 457 52.07 -2.65 -3.82
C TYR A 457 52.74 -3.88 -3.20
N GLY A 458 52.11 -5.05 -3.30
CA GLY A 458 52.67 -6.30 -2.77
C GLY A 458 52.00 -6.88 -1.54
N LYS A 459 52.29 -8.16 -1.27
CA LYS A 459 51.77 -8.94 -0.13
C LYS A 459 51.89 -8.28 1.24
N GLU A 460 53.04 -7.62 1.47
CA GLU A 460 53.34 -6.96 2.74
C GLU A 460 52.35 -5.82 3.01
N PHE A 461 52.09 -5.01 2.00
CA PHE A 461 51.11 -3.92 2.11
C PHE A 461 49.70 -4.46 2.34
N ARG A 462 49.31 -5.48 1.57
CA ARG A 462 48.02 -6.13 1.73
C ARG A 462 47.77 -6.53 3.20
N ASP A 463 48.70 -7.27 3.80
CA ASP A 463 48.58 -7.72 5.21
C ASP A 463 48.44 -6.55 6.18
N TYR A 464 49.27 -5.51 6.00
CA TYR A 464 49.19 -4.29 6.80
C TYR A 464 47.80 -3.64 6.62
N LEU A 465 47.33 -3.61 5.38
CA LEU A 465 46.03 -3.06 5.05
C LEU A 465 44.88 -3.89 5.67
N THR A 466 45.00 -5.22 5.54
CA THR A 466 44.04 -6.18 6.10
C THR A 466 43.88 -6.00 7.61
N ASN A 467 45.00 -5.82 8.30
CA ASN A 467 45.00 -5.63 9.76
C ASN A 467 44.53 -4.23 10.17
N ASN A 468 44.87 -3.23 9.37
CA ASN A 468 44.57 -1.82 9.69
C ASN A 468 43.45 -1.15 8.87
N PHE A 469 42.57 -1.90 8.23
CA PHE A 469 41.52 -1.26 7.39
C PHE A 469 40.18 -1.00 8.11
N GLU A 470 39.76 0.27 8.16
CA GLU A 470 38.41 0.63 8.68
C GLU A 470 37.55 1.11 7.49
N GLN A 471 36.42 0.45 7.28
CA GLN A 471 35.54 0.79 6.17
C GLN A 471 34.95 2.22 6.24
N VAL A 472 34.59 2.67 7.44
CA VAL A 472 34.04 4.02 7.62
C VAL A 472 35.08 5.11 7.27
N ASP A 473 36.32 4.94 7.73
CA ASP A 473 37.41 5.89 7.44
C ASP A 473 37.59 6.00 5.93
N PHE A 474 37.60 4.85 5.25
CA PHE A 474 37.70 4.77 3.79
C PHE A 474 36.58 5.59 3.11
N LEU A 475 35.33 5.34 3.53
CA LEU A 475 34.18 6.02 2.93
C LEU A 475 34.11 7.51 3.25
N LEU A 476 34.67 7.93 4.39
CA LEU A 476 34.65 9.35 4.77
C LEU A 476 35.75 10.09 4.01
N LYS A 477 36.84 9.38 3.71
CA LYS A 477 37.94 9.96 2.92
C LYS A 477 37.55 10.14 1.45
N LEU A 478 36.75 9.18 0.95
CA LEU A 478 36.19 9.17 -0.42
C LEU A 478 35.18 10.33 -0.56
N ALA A 479 34.30 10.46 0.43
CA ALA A 479 33.34 11.58 0.47
C ALA A 479 34.07 12.92 0.40
N GLU A 480 35.18 13.04 1.13
CA GLU A 480 35.99 14.27 1.18
C GLU A 480 36.62 14.60 -0.18
N LYS A 481 37.05 13.57 -0.90
CA LYS A 481 37.59 13.71 -2.25
C LYS A 481 36.59 14.30 -3.23
N ASN A 482 35.31 14.10 -2.94
CA ASN A 482 34.21 14.58 -3.77
C ASN A 482 33.47 15.77 -3.18
N GLY A 483 33.97 16.32 -2.08
CA GLY A 483 33.35 17.47 -1.45
C GLY A 483 31.93 17.24 -0.93
N VAL A 484 31.64 15.98 -0.59
CA VAL A 484 30.32 15.60 -0.09
C VAL A 484 30.46 15.03 1.32
N VAL A 485 29.33 14.88 2.00
CA VAL A 485 29.32 14.33 3.34
C VAL A 485 29.52 12.80 3.22
N LEU A 486 28.79 12.18 2.31
CA LEU A 486 28.91 10.72 2.05
C LEU A 486 28.52 10.41 0.59
N VAL A 487 29.29 9.58 -0.10
CA VAL A 487 28.92 9.23 -1.49
C VAL A 487 27.82 8.17 -1.51
N ASP A 488 26.67 8.49 -2.13
CA ASP A 488 25.58 7.55 -2.22
C ASP A 488 25.90 6.52 -3.30
N GLY A 489 25.81 5.24 -2.97
CA GLY A 489 26.05 4.16 -3.93
C GLY A 489 27.39 3.43 -3.83
N VAL A 490 28.21 3.75 -2.83
CA VAL A 490 29.48 3.09 -2.58
C VAL A 490 29.48 2.61 -1.10
N GLY A 491 29.79 1.34 -0.90
CA GLY A 491 29.83 0.76 0.44
C GLY A 491 30.69 -0.48 0.39
N PHE A 492 30.36 -1.45 1.25
CA PHE A 492 31.11 -2.72 1.29
C PHE A 492 30.17 -3.92 1.26
N GLY A 493 30.69 -5.04 0.76
CA GLY A 493 29.95 -6.29 0.70
C GLY A 493 30.18 -7.13 1.96
N ALA A 494 29.66 -8.35 1.99
CA ALA A 494 29.80 -9.24 3.16
C ALA A 494 31.27 -9.60 3.46
N LYS A 495 32.06 -9.79 2.39
CA LYS A 495 33.46 -10.15 2.53
C LYS A 495 34.34 -8.96 2.92
N PRO A 496 35.49 -9.23 3.57
CA PRO A 496 36.44 -8.17 3.91
C PRO A 496 37.19 -7.68 2.69
N GLY A 497 37.33 -6.36 2.58
CA GLY A 497 38.03 -5.74 1.44
C GLY A 497 37.30 -5.80 0.12
N GLU A 498 36.00 -6.09 0.19
CA GLU A 498 35.12 -6.18 -0.97
C GLU A 498 34.26 -4.90 -1.05
N LEU A 499 34.65 -4.01 -1.95
CA LEU A 499 33.95 -2.75 -2.18
C LEU A 499 32.65 -3.04 -2.96
N ARG A 500 31.54 -2.43 -2.54
CA ARG A 500 30.25 -2.61 -3.18
C ARG A 500 29.75 -1.28 -3.76
N VAL A 501 29.53 -1.27 -5.07
CA VAL A 501 29.09 -0.08 -5.80
C VAL A 501 27.85 -0.36 -6.65
N SER A 502 26.91 0.60 -6.62
CA SER A 502 25.71 0.62 -7.45
C SER A 502 25.92 1.46 -8.72
N GLN A 503 25.63 0.86 -9.88
CA GLN A 503 25.69 1.57 -11.17
C GLN A 503 24.32 2.18 -11.46
N ALA A 504 23.45 2.19 -10.46
CA ALA A 504 22.15 2.84 -10.61
C ALA A 504 22.13 4.27 -10.03
N ASN A 505 22.99 4.56 -9.04
CA ASN A 505 22.87 5.78 -8.22
C ASN A 505 23.50 7.07 -8.65
N LEU A 506 24.64 6.97 -9.33
CA LEU A 506 25.38 8.17 -9.70
C LEU A 506 25.30 8.53 -11.17
N PRO A 507 25.60 9.79 -11.49
CA PRO A 507 25.74 10.18 -12.89
C PRO A 507 26.88 9.41 -13.56
N THR A 508 26.67 8.90 -14.77
CA THR A 508 27.70 8.12 -15.49
C THR A 508 29.15 8.63 -15.36
N GLU A 509 29.32 9.95 -15.40
CA GLU A 509 30.65 10.58 -15.29
C GLU A 509 31.33 10.43 -13.88
N ASP A 510 30.55 10.12 -12.85
CA ASP A 510 31.09 9.90 -11.51
C ASP A 510 31.83 8.57 -11.33
N TYR A 511 31.53 7.58 -12.17
CA TYR A 511 32.12 6.24 -12.07
C TYR A 511 33.60 6.15 -12.33
N ALA A 512 34.07 6.77 -13.41
CA ALA A 512 35.51 6.81 -13.70
C ALA A 512 36.22 7.58 -12.61
N LEU A 513 35.54 8.61 -12.10
CA LEU A 513 36.08 9.46 -11.04
C LEU A 513 36.24 8.69 -9.71
N ILE A 514 35.24 7.87 -9.35
CA ILE A 514 35.32 7.01 -8.14
C ILE A 514 36.46 6.02 -8.27
N GLY A 515 36.61 5.45 -9.48
CA GLY A 515 37.66 4.48 -9.76
C GLY A 515 39.06 5.01 -9.48
N LYS A 516 39.34 6.21 -10.01
CA LYS A 516 40.61 6.89 -9.77
C LYS A 516 40.78 7.29 -8.31
N GLN A 517 39.70 7.77 -7.67
CA GLN A 517 39.73 8.14 -6.25
C GLN A 517 40.12 6.97 -5.34
N VAL A 518 39.68 5.76 -5.69
CA VAL A 518 40.01 4.55 -4.92
C VAL A 518 41.53 4.24 -5.04
N LEU A 519 42.11 4.46 -6.21
CA LEU A 519 43.54 4.24 -6.38
C LEU A 519 44.37 5.28 -5.57
N GLU A 520 43.83 6.50 -5.45
CA GLU A 520 44.46 7.57 -4.66
C GLU A 520 44.46 7.19 -3.19
N LEU A 521 43.31 6.75 -2.68
CA LEU A 521 43.18 6.29 -1.29
C LEU A 521 44.19 5.18 -0.97
N LEU A 522 44.33 4.21 -1.87
CA LEU A 522 45.27 3.09 -1.72
C LEU A 522 46.72 3.55 -1.72
N LYS A 523 47.03 4.59 -2.49
CA LYS A 523 48.38 5.15 -2.50
C LYS A 523 48.59 5.84 -1.15
N GLU A 524 47.65 6.69 -0.77
CA GLU A 524 47.71 7.41 0.50
C GLU A 524 47.89 6.45 1.70
N TYR A 525 47.26 5.26 1.64
CA TYR A 525 47.41 4.24 2.70
C TYR A 525 48.83 3.67 2.66
N TYR A 526 49.36 3.51 1.45
CA TYR A 526 50.72 2.97 1.26
C TYR A 526 51.81 3.92 1.77
N GLU A 527 51.61 5.23 1.56
CA GLU A 527 52.56 6.24 2.01
C GLU A 527 52.51 6.33 3.55
N GLU A 528 51.33 6.04 4.14
CA GLU A 528 51.18 6.02 5.60
C GLU A 528 51.87 4.76 6.18
N PHE A 529 51.64 3.61 5.54
CA PHE A 529 52.33 2.32 5.81
C PHE A 529 53.83 2.52 5.91
N LYS A 530 54.32 3.54 5.19
CA LYS A 530 55.73 3.91 5.20
C LYS A 530 55.93 5.25 5.92
N PHE B 16 -17.26 -12.74 14.82
CA PHE B 16 -18.37 -12.57 13.85
C PHE B 16 -18.08 -13.40 12.59
N GLU B 17 -19.02 -13.36 11.66
CA GLU B 17 -18.93 -14.08 10.40
C GLU B 17 -19.85 -13.34 9.45
N ILE B 18 -19.40 -13.04 8.23
CA ILE B 18 -20.28 -12.35 7.27
C ILE B 18 -21.44 -13.30 6.98
N SER B 19 -22.66 -12.74 6.87
CA SER B 19 -23.89 -13.51 6.56
C SER B 19 -23.75 -14.29 5.25
N ARG B 20 -24.05 -15.57 5.27
CA ARG B 20 -23.82 -16.40 4.09
C ARG B 20 -24.75 -15.99 2.97
N LYS B 21 -25.92 -15.47 3.32
CA LYS B 21 -26.91 -15.09 2.31
C LYS B 21 -26.47 -13.85 1.58
N LEU B 23 -23.43 -12.91 1.38
CA LEU B 23 -22.20 -13.29 0.72
C LEU B 23 -22.57 -13.97 -0.60
N ALA B 24 -23.65 -14.75 -0.58
CA ALA B 24 -24.17 -15.39 -1.78
C ALA B 24 -24.81 -14.35 -2.72
N LEU B 25 -25.52 -13.38 -2.13
CA LEU B 25 -26.15 -12.30 -2.89
C LEU B 25 -25.10 -11.47 -3.64
N ALA B 26 -23.95 -11.24 -3.00
CA ALA B 26 -22.83 -10.52 -3.61
C ALA B 26 -22.32 -11.26 -4.85
N GLN B 27 -22.29 -12.59 -4.79
CA GLN B 27 -21.75 -13.34 -5.93
CA GLN B 27 -21.81 -13.44 -5.89
C GLN B 27 -22.61 -13.23 -7.20
N LYS B 28 -23.73 -12.51 -7.11
CA LYS B 28 -24.62 -12.19 -8.24
C LYS B 28 -24.38 -10.78 -8.82
N ASN B 29 -23.76 -9.93 -8.03
CA ASN B 29 -23.37 -8.59 -8.49
C ASN B 29 -22.21 -8.16 -7.58
N GLU B 30 -20.98 -8.50 -7.98
CA GLU B 30 -19.80 -8.22 -7.14
C GLU B 30 -19.67 -6.74 -6.74
N LYS B 31 -20.20 -5.84 -7.56
CA LYS B 31 -20.15 -4.42 -7.27
C LYS B 31 -20.77 -4.05 -5.93
N SER B 32 -21.73 -4.87 -5.51
CA SER B 32 -22.46 -4.65 -4.27
CA SER B 32 -22.44 -4.59 -4.26
C SER B 32 -21.75 -5.19 -3.02
N ASN B 33 -20.69 -6.00 -3.20
CA ASN B 33 -20.00 -6.62 -2.08
C ASN B 33 -19.42 -5.67 -1.03
N ILE B 34 -18.74 -4.59 -1.45
CA ILE B 34 -18.14 -3.66 -0.49
C ILE B 34 -19.20 -3.07 0.42
N PHE B 35 -20.32 -2.62 -0.15
CA PHE B 35 -21.38 -2.06 0.69
C PHE B 35 -22.10 -3.12 1.50
N LEU B 36 -22.49 -4.22 0.86
CA LEU B 36 -23.26 -5.26 1.54
C LEU B 36 -22.53 -5.94 2.65
N ASN B 37 -21.27 -6.29 2.35
CA ASN B 37 -20.45 -7.14 3.20
C ASN B 37 -19.24 -6.51 3.90
N ALA B 38 -18.75 -5.37 3.40
CA ALA B 38 -17.66 -4.65 4.05
C ALA B 38 -18.26 -3.43 4.77
N GLY B 39 -19.49 -3.05 4.41
CA GLY B 39 -20.20 -1.95 5.08
C GLY B 39 -19.77 -0.54 4.74
N ARG B 40 -19.23 -0.34 3.55
CA ARG B 40 -18.75 0.98 3.13
C ARG B 40 -19.45 1.48 1.89
N GLY B 41 -19.82 2.74 1.97
CA GLY B 41 -20.39 3.44 0.88
C GLY B 41 -19.29 4.09 0.09
N ASN B 42 -19.09 3.61 -1.13
CA ASN B 42 -18.12 4.19 -2.06
C ASN B 42 -18.74 5.43 -2.69
N PRO B 43 -18.10 6.59 -2.50
CA PRO B 43 -18.64 7.84 -3.04
C PRO B 43 -18.68 7.87 -4.59
N ASN B 44 -19.74 8.46 -5.14
CA ASN B 44 -19.85 8.62 -6.60
C ASN B 44 -19.43 10.05 -7.06
N TRP B 45 -18.72 10.77 -6.19
CA TRP B 45 -18.21 12.08 -6.49
C TRP B 45 -16.68 12.05 -6.26
N ILE B 46 -16.01 13.04 -6.82
CA ILE B 46 -14.59 13.21 -6.62
C ILE B 46 -14.25 14.69 -6.49
N GLN B 47 -13.13 14.97 -5.84
CA GLN B 47 -12.57 16.28 -5.87
C GLN B 47 -11.63 16.26 -7.07
N THR B 48 -11.67 17.28 -7.88
CA THR B 48 -10.85 17.31 -9.12
C THR B 48 -9.49 18.04 -8.98
N LEU B 49 -9.45 19.04 -8.10
CA LEU B 49 -8.31 19.95 -8.00
C LEU B 49 -6.94 19.33 -7.64
N ALA B 50 -6.90 18.55 -6.57
CA ALA B 50 -5.67 17.85 -6.16
C ALA B 50 -5.26 16.87 -7.24
N ARG B 51 -6.23 16.21 -7.87
CA ARG B 51 -5.95 15.25 -8.96
C ARG B 51 -5.28 15.86 -10.18
N LEU B 52 -5.82 16.97 -10.66
CA LEU B 52 -5.28 17.73 -11.77
C LEU B 52 -3.90 18.39 -11.49
N ALA B 53 -3.69 18.85 -10.26
CA ALA B 53 -2.43 19.42 -9.80
C ALA B 53 -1.32 18.35 -9.74
N PHE B 54 -1.66 17.15 -9.29
CA PHE B 54 -0.74 16.04 -9.28
C PHE B 54 -0.20 15.77 -10.72
N VAL B 55 -1.13 15.62 -11.66
CA VAL B 55 -0.88 15.49 -13.13
C VAL B 55 0.23 16.45 -13.63
N ARG B 56 0.08 17.71 -13.29
CA ARG B 56 1.00 18.78 -13.67
C ARG B 56 2.40 18.63 -13.09
N LEU B 57 2.48 18.10 -11.88
CA LEU B 57 3.77 17.83 -11.22
C LEU B 57 4.51 16.73 -11.93
N VAL B 58 3.76 15.76 -12.47
CA VAL B 58 4.38 14.67 -13.25
C VAL B 58 4.91 15.24 -14.56
N GLN B 59 4.08 16.01 -15.28
CA GLN B 59 4.51 16.66 -16.55
C GLN B 59 5.75 17.51 -16.35
N PHE B 60 5.72 18.37 -15.35
CA PHE B 60 6.83 19.21 -15.01
C PHE B 60 8.09 18.41 -14.62
N GLY B 61 7.93 17.36 -13.84
CA GLY B 61 9.03 16.55 -13.38
C GLY B 61 9.66 15.73 -14.47
N VAL B 62 8.86 15.32 -15.46
CA VAL B 62 9.41 14.61 -16.62
C VAL B 62 10.23 15.64 -17.39
N THR B 63 9.67 16.83 -17.59
CA THR B 63 10.37 17.90 -18.27
C THR B 63 11.74 18.14 -17.59
N GLU B 64 11.72 18.28 -16.28
CA GLU B 64 12.94 18.45 -15.50
C GLU B 64 13.91 17.30 -15.67
N SER B 65 13.38 16.09 -15.59
CA SER B 65 14.20 14.90 -15.68
C SER B 65 14.96 14.80 -17.00
N LYS B 66 14.36 15.31 -18.08
CA LYS B 66 14.98 15.28 -19.41
C LYS B 66 16.21 16.21 -19.55
N LEU B 67 16.44 17.06 -18.54
CA LEU B 67 17.60 17.94 -18.49
C LEU B 67 18.87 17.19 -18.14
N THR B 68 18.76 16.09 -17.40
CA THR B 68 19.94 15.29 -17.06
C THR B 68 20.17 14.10 -18.01
N ILE B 69 19.12 13.33 -18.32
CA ILE B 69 19.18 12.22 -19.28
C ILE B 69 17.98 12.37 -20.21
N ASN B 70 18.23 12.28 -21.50
CA ASN B 70 17.13 12.34 -22.48
C ASN B 70 17.40 11.42 -23.65
N ASN B 71 16.94 10.20 -23.53
CA ASN B 71 17.22 9.18 -24.51
C ASN B 71 15.99 8.37 -24.72
N GLY B 72 15.29 8.63 -25.82
CA GLY B 72 14.06 7.90 -26.15
C GLY B 72 13.06 8.17 -25.05
N ILE B 73 12.50 7.10 -24.47
CA ILE B 73 11.54 7.21 -23.35
C ILE B 73 12.18 7.14 -21.96
N ALA B 75 14.39 9.25 -19.14
CA ALA B 75 14.86 10.55 -18.64
C ALA B 75 15.75 10.28 -17.42
N GLY B 76 16.15 11.33 -16.73
CA GLY B 76 17.07 11.24 -15.61
C GLY B 76 16.50 11.61 -14.27
N TYR B 77 17.19 12.53 -13.61
CA TYR B 77 16.88 12.94 -12.25
C TYR B 77 16.72 14.46 -12.14
N ILE B 78 16.25 14.89 -10.99
CA ILE B 78 15.86 16.29 -10.76
C ILE B 78 16.75 16.97 -9.70
N ASN B 79 17.27 18.14 -10.04
CA ASN B 79 18.06 18.92 -9.12
C ASN B 79 17.14 19.90 -8.38
N THR B 80 17.30 19.96 -7.06
CA THR B 80 16.46 20.83 -6.20
C THR B 80 16.71 22.34 -6.33
N ASP B 81 17.96 22.76 -6.43
CA ASP B 81 18.26 24.20 -6.53
C ASP B 81 17.60 24.88 -7.75
N GLY B 82 16.82 25.92 -7.47
CA GLY B 82 16.10 26.67 -8.48
C GLY B 82 14.79 26.06 -8.94
N ILE B 83 14.45 24.88 -8.44
CA ILE B 83 13.25 24.15 -8.85
CA ILE B 83 13.25 24.14 -8.87
C ILE B 83 11.93 24.94 -8.71
N ARG B 84 11.84 25.81 -7.70
CA ARG B 84 10.59 26.58 -7.53
C ARG B 84 10.36 27.59 -8.67
N GLU B 85 11.43 28.27 -9.04
CA GLU B 85 11.43 29.25 -10.10
C GLU B 85 11.12 28.57 -11.44
N ARG B 86 11.70 27.40 -11.66
CA ARG B 86 11.44 26.63 -12.87
C ARG B 86 9.98 26.10 -12.92
N LEU B 87 9.46 25.66 -11.79
CA LEU B 87 8.07 25.19 -11.71
C LEU B 87 7.08 26.32 -12.05
N PHE B 88 7.30 27.49 -11.47
CA PHE B 88 6.43 28.67 -11.68
C PHE B 88 6.44 29.19 -13.11
N ALA B 89 7.59 29.08 -13.76
CA ALA B 89 7.75 29.46 -15.16
C ALA B 89 7.06 28.44 -16.10
N PHE B 90 7.03 27.17 -15.68
CA PHE B 90 6.39 26.10 -16.45
C PHE B 90 4.87 26.21 -16.43
N LEU B 91 4.34 26.58 -15.27
CA LEU B 91 2.91 26.66 -15.04
C LEU B 91 2.32 27.90 -15.71
N ASP B 92 1.00 27.84 -15.90
CA ASP B 92 0.24 28.87 -16.57
C ASP B 92 -1.00 29.06 -15.75
N PRO B 93 -0.88 29.76 -14.60
CA PRO B 93 -2.01 30.05 -13.70
C PRO B 93 -3.17 30.86 -14.30
N ASP B 94 -2.89 31.66 -15.32
CA ASP B 94 -3.93 32.43 -15.97
C ASP B 94 -4.92 31.55 -16.74
N LYS B 95 -4.43 30.44 -17.31
CA LYS B 95 -5.24 29.46 -18.04
C LYS B 95 -5.78 28.34 -17.15
N ASN B 96 -4.90 27.75 -16.35
CA ASN B 96 -5.19 26.56 -15.53
C ASN B 96 -5.37 26.76 -14.04
N ASP B 97 -6.60 26.49 -13.57
CA ASP B 97 -6.96 26.53 -12.16
C ASP B 97 -6.02 25.69 -11.29
N GLU B 98 -5.60 24.51 -11.79
CA GLU B 98 -4.61 23.64 -11.10
C GLU B 98 -3.32 24.35 -10.84
N ASP B 99 -2.86 25.10 -11.84
CA ASP B 99 -1.55 25.80 -11.82
C ASP B 99 -1.55 26.92 -10.78
N LYS B 100 -2.59 27.73 -10.79
CA LYS B 100 -2.76 28.80 -9.80
C LYS B 100 -2.73 28.17 -8.38
N PHE B 101 -3.44 27.08 -8.21
CA PHE B 101 -3.46 26.33 -6.95
C PHE B 101 -2.07 25.88 -6.53
N LEU B 102 -1.31 25.33 -7.48
CA LEU B 102 0.04 24.89 -7.16
C LEU B 102 0.93 26.00 -6.64
N ILE B 103 0.78 27.21 -7.18
CA ILE B 103 1.58 28.37 -6.80
C ILE B 103 1.11 28.83 -5.43
N ASP B 104 -0.21 29.00 -5.28
CA ASP B 104 -0.81 29.34 -4.00
C ASP B 104 -0.44 28.34 -2.89
N ALA B 105 -0.47 27.05 -3.22
CA ALA B 105 -0.16 26.00 -2.25
C ALA B 105 1.30 26.09 -1.79
N VAL B 106 2.21 26.32 -2.72
CA VAL B 106 3.65 26.44 -2.41
C VAL B 106 4.01 27.67 -1.56
N ASN B 107 3.39 28.81 -1.91
CA ASN B 107 3.57 30.06 -1.23
C ASN B 107 3.02 30.00 0.21
N TYR B 108 1.90 29.34 0.38
CA TYR B 108 1.32 29.10 1.70
C TYR B 108 2.28 28.28 2.56
N CYS B 109 2.88 27.26 1.99
CA CYS B 109 3.82 26.46 2.74
C CYS B 109 4.94 27.33 3.25
N HIS B 110 5.30 28.32 2.45
CA HIS B 110 6.36 29.23 2.80
C HIS B 110 5.96 30.26 3.85
N THR B 111 4.87 30.98 3.61
CA THR B 111 4.47 32.09 4.48
C THR B 111 3.73 31.66 5.75
N GLU B 112 3.00 30.54 5.71
CA GLU B 112 2.23 30.06 6.85
C GLU B 112 2.87 28.91 7.60
N LEU B 113 3.57 28.03 6.88
CA LEU B 113 4.18 26.85 7.48
C LEU B 113 5.69 27.05 7.60
N GLY B 114 6.19 28.16 7.06
CA GLY B 114 7.62 28.45 7.14
C GLY B 114 8.53 27.45 6.45
N LEU B 115 8.07 26.85 5.35
CA LEU B 115 8.85 25.84 4.64
C LEU B 115 9.58 26.47 3.48
N ASN B 116 10.71 25.85 3.12
CA ASN B 116 11.55 26.27 2.00
C ASN B 116 10.88 25.79 0.71
N ARG B 117 10.68 26.72 -0.21
CA ARG B 117 9.95 26.47 -1.44
C ARG B 117 10.64 25.48 -2.42
N ASP B 118 11.96 25.55 -2.56
CA ASP B 118 12.64 24.59 -3.43
C ASP B 118 12.50 23.18 -2.82
N LYS B 119 12.51 23.10 -1.50
CA LYS B 119 12.41 21.82 -0.82
C LYS B 119 11.02 21.20 -0.90
N VAL B 120 10.01 22.04 -0.72
CA VAL B 120 8.60 21.63 -0.84
C VAL B 120 8.33 21.24 -2.29
N VAL B 121 8.78 22.07 -3.24
CA VAL B 121 8.59 21.76 -4.66
C VAL B 121 9.36 20.49 -5.05
N ALA B 122 10.63 20.37 -4.65
CA ALA B 122 11.37 19.13 -4.96
C ALA B 122 10.71 17.83 -4.32
N GLU B 123 10.15 17.97 -3.12
CA GLU B 123 9.45 16.88 -2.44
C GLU B 123 8.18 16.42 -3.21
N TRP B 124 7.40 17.39 -3.68
CA TRP B 124 6.18 17.14 -4.49
C TRP B 124 6.41 16.55 -5.90
N VAL B 125 7.43 17.07 -6.59
CA VAL B 125 7.77 16.67 -7.95
C VAL B 125 8.51 15.31 -7.98
N ASN B 126 9.58 15.17 -7.19
CA ASN B 126 10.24 13.88 -7.05
C ASN B 126 9.24 12.82 -6.55
N GLY B 127 8.31 13.25 -5.70
CA GLY B 127 7.30 12.42 -5.17
C GLY B 127 6.24 12.01 -6.15
N ALA B 128 5.84 12.92 -7.04
CA ALA B 128 4.83 12.60 -8.05
C ALA B 128 5.46 11.73 -9.16
N VAL B 129 6.65 12.14 -9.62
CA VAL B 129 7.41 11.34 -10.58
C VAL B 129 7.70 9.97 -9.95
N ALA B 130 7.91 9.98 -8.65
CA ALA B 130 8.09 8.76 -7.85
C ALA B 130 9.41 8.06 -8.19
N ASN B 131 10.48 8.83 -8.13
CA ASN B 131 11.84 8.35 -8.50
C ASN B 131 12.72 7.84 -7.37
N ASN B 132 12.19 7.79 -6.16
CA ASN B 132 12.94 7.40 -5.01
C ASN B 132 12.04 6.69 -3.97
N TYR B 133 12.63 5.76 -3.22
CA TYR B 133 11.99 5.11 -2.11
C TYR B 133 11.52 6.20 -1.16
N PRO B 134 10.44 5.95 -0.39
CA PRO B 134 10.03 6.93 0.64
C PRO B 134 11.15 7.16 1.65
N VAL B 135 11.50 8.43 1.84
CA VAL B 135 12.60 8.81 2.73
C VAL B 135 12.27 10.14 3.43
N PRO B 136 12.13 10.09 4.78
CA PRO B 136 12.24 8.90 5.64
C PRO B 136 11.10 7.90 5.36
N ASP B 137 11.28 6.67 5.84
CA ASP B 137 10.33 5.57 5.68
C ASP B 137 8.92 5.89 6.17
N ARG B 138 8.84 6.50 7.34
CA ARG B 138 7.53 6.76 7.94
C ARG B 138 6.65 7.80 7.21
N CYS B 139 7.22 8.97 6.92
CA CYS B 139 6.49 10.08 6.28
C CYS B 139 7.44 11.08 5.63
N LEU B 140 7.09 11.59 4.45
CA LEU B 140 7.93 12.65 3.83
C LEU B 140 7.84 13.86 4.75
N VAL B 141 8.97 14.53 5.04
CA VAL B 141 9.00 15.62 6.05
CA VAL B 141 8.95 15.60 6.09
C VAL B 141 8.04 16.81 5.87
N ASN B 142 7.93 17.31 4.64
CA ASN B 142 7.08 18.48 4.36
C ASN B 142 5.60 18.11 4.36
N THR B 143 5.29 16.97 3.75
CA THR B 143 3.96 16.37 3.72
C THR B 143 3.46 16.18 5.15
N GLU B 144 4.37 15.80 6.06
CA GLU B 144 3.96 15.58 7.45
C GLU B 144 3.43 16.87 8.04
N LYS B 145 4.17 17.95 7.85
CA LYS B 145 3.73 19.22 8.39
C LYS B 145 2.40 19.67 7.76
N ILE B 146 2.25 19.48 6.46
CA ILE B 146 1.04 19.85 5.74
C ILE B 146 -0.17 19.08 6.27
N ILE B 147 -0.03 17.77 6.40
CA ILE B 147 -1.13 16.93 6.88
C ILE B 147 -1.44 17.23 8.36
N ASN B 148 -0.40 17.39 9.18
CA ASN B 148 -0.58 17.78 10.58
C ASN B 148 -1.45 19.01 10.77
N TYR B 149 -1.26 20.02 9.91
CA TYR B 149 -2.04 21.27 10.03
C TYR B 149 -3.42 21.17 9.48
N PHE B 150 -3.57 20.34 8.45
CA PHE B 150 -4.86 20.05 7.84
C PHE B 150 -5.79 19.35 8.84
N LEU B 151 -5.29 18.30 9.50
CA LEU B 151 -6.02 17.54 10.54
C LEU B 151 -6.43 18.42 11.70
N GLN B 152 -5.50 19.23 12.16
CA GLN B 152 -5.78 20.20 13.18
C GLN B 152 -6.94 21.12 12.82
N GLU B 153 -6.93 21.67 11.60
CA GLU B 153 -8.01 22.54 11.14
C GLU B 153 -9.36 21.84 11.06
N LEU B 154 -9.34 20.69 10.40
CA LEU B 154 -10.52 19.91 10.17
C LEU B 154 -11.20 19.39 11.46
N SER B 155 -10.40 18.97 12.44
CA SER B 155 -10.94 18.27 13.62
C SER B 155 -10.45 18.60 15.05
N TYR B 156 -9.43 19.44 15.23
CA TYR B 156 -8.91 19.69 16.62
C TYR B 156 -9.47 20.92 17.33
N LYS B 157 -10.20 21.75 16.60
CA LYS B 157 -10.78 22.96 17.19
C LYS B 157 -9.67 23.88 17.77
N ASP B 158 -9.75 24.23 19.05
CA ASP B 158 -8.77 25.13 19.68
C ASP B 158 -7.50 24.44 20.22
N ALA B 159 -7.43 23.12 20.13
CA ALA B 159 -6.27 22.35 20.55
C ALA B 159 -5.11 22.58 19.58
N ASN B 160 -4.03 23.18 20.09
CA ASN B 160 -2.81 23.37 19.31
C ASN B 160 -1.94 22.14 19.48
N LEU B 161 -2.03 21.23 18.53
CA LEU B 161 -1.31 19.98 18.64
C LEU B 161 -0.46 19.64 17.44
N ALA B 162 -0.56 20.41 16.35
CA ALA B 162 0.11 20.13 15.04
C ALA B 162 1.64 20.05 15.06
N GLU B 163 2.25 20.80 15.96
CA GLU B 163 3.69 20.82 16.12
C GLU B 163 4.19 19.68 17.00
N GLN B 164 3.28 18.96 17.68
CA GLN B 164 3.68 17.89 18.60
CA GLN B 164 3.66 17.89 18.60
C GLN B 164 3.06 16.54 18.22
N THR B 165 2.67 16.38 16.95
CA THR B 165 2.04 15.15 16.48
C THR B 165 2.88 14.49 15.41
N ASP B 166 3.04 13.17 15.48
CA ASP B 166 3.81 12.38 14.50
C ASP B 166 2.82 11.60 13.65
N LEU B 167 3.08 11.57 12.35
CA LEU B 167 2.21 10.92 11.37
C LEU B 167 2.84 9.73 10.64
N PHE B 168 2.00 8.72 10.38
CA PHE B 168 2.39 7.54 9.58
C PHE B 168 1.29 7.25 8.52
N PRO B 169 1.51 7.76 7.29
CA PRO B 169 0.61 7.52 6.18
C PRO B 169 0.59 6.03 5.79
N THR B 170 -0.63 5.56 5.53
CA THR B 170 -0.93 4.17 5.27
C THR B 170 -1.83 4.02 4.05
N GLU B 171 -1.92 2.76 3.62
CA GLU B 171 -2.76 2.31 2.51
C GLU B 171 -4.25 2.24 2.96
N GLY B 172 -4.78 3.43 3.20
CA GLY B 172 -6.11 3.65 3.70
C GLY B 172 -6.19 3.42 5.19
N GLY B 173 -7.33 3.79 5.76
CA GLY B 173 -7.66 3.42 7.12
C GLY B 173 -7.73 1.91 7.27
N THR B 174 -7.90 1.19 6.17
CA THR B 174 -7.89 -0.30 6.12
C THR B 174 -6.53 -0.85 6.59
N ALA B 175 -5.46 -0.41 5.94
CA ALA B 175 -4.13 -0.78 6.37
C ALA B 175 -3.84 -0.26 7.79
N ALA B 176 -4.30 0.96 8.14
CA ALA B 176 -4.02 1.60 9.43
C ALA B 176 -4.47 0.78 10.61
N ILE B 177 -5.71 0.30 10.51
CA ILE B 177 -6.30 -0.51 11.54
C ILE B 177 -5.59 -1.85 11.67
N VAL B 178 -5.29 -2.47 10.54
CA VAL B 178 -4.51 -3.70 10.52
C VAL B 178 -3.15 -3.49 11.19
N TYR B 179 -2.44 -2.43 10.82
CA TYR B 179 -1.13 -2.17 11.39
C TYR B 179 -1.23 -1.89 12.90
N ALA B 180 -2.21 -1.07 13.27
CA ALA B 180 -2.49 -0.75 14.66
C ALA B 180 -2.63 -1.97 15.56
N PHE B 181 -3.49 -2.91 15.20
CA PHE B 181 -3.70 -4.10 16.01
C PHE B 181 -2.49 -5.03 16.06
N HIS B 182 -1.77 -5.12 14.95
CA HIS B 182 -0.62 -5.97 14.89
C HIS B 182 0.49 -5.45 15.85
N SER B 183 0.81 -4.17 15.71
CA SER B 183 1.83 -3.52 16.53
C SER B 183 1.47 -3.53 18.04
N LEU B 184 0.17 -3.48 18.37
CA LEU B 184 -0.26 -3.54 19.79
C LEU B 184 0.07 -4.92 20.39
N ALA B 185 -0.16 -5.97 19.59
CA ALA B 185 0.17 -7.35 19.98
C ALA B 185 1.66 -7.54 20.05
N GLU B 186 2.39 -7.08 19.04
CA GLU B 186 3.86 -7.25 19.01
C GLU B 186 4.61 -6.59 20.17
N ASN B 187 4.06 -5.48 20.63
CA ASN B 187 4.61 -4.67 21.69
C ASN B 187 4.01 -4.93 23.06
N HIS B 188 3.26 -6.04 23.16
CA HIS B 188 2.71 -6.52 24.44
C HIS B 188 1.77 -5.52 25.14
N LEU B 189 1.08 -4.69 24.34
CA LEU B 189 0.10 -3.70 24.86
C LEU B 189 -1.29 -4.31 24.89
N LEU B 190 -1.53 -5.25 23.99
CA LEU B 190 -2.75 -6.05 24.01
C LEU B 190 -2.31 -7.51 24.04
N LYS B 191 -2.79 -8.24 25.05
CA LYS B 191 -2.45 -9.64 25.25
C LYS B 191 -3.71 -10.46 25.30
N LYS B 192 -3.58 -11.78 25.14
CA LYS B 192 -4.72 -12.68 25.19
C LYS B 192 -5.50 -12.45 26.50
N GLY B 193 -6.81 -12.44 26.40
CA GLY B 193 -7.66 -12.26 27.58
C GLY B 193 -7.95 -10.84 28.00
N ASP B 194 -7.24 -9.86 27.42
CA ASP B 194 -7.46 -8.44 27.71
C ASP B 194 -8.85 -8.00 27.24
N LYS B 195 -9.41 -7.08 27.97
CA LYS B 195 -10.71 -6.54 27.72
C LYS B 195 -10.58 -5.21 26.97
N ILE B 196 -11.33 -5.05 25.87
CA ILE B 196 -11.33 -3.80 25.11
C ILE B 196 -12.77 -3.28 24.89
N ALA B 197 -12.99 -1.99 25.16
CA ALA B 197 -14.29 -1.34 24.99
C ALA B 197 -14.41 -0.87 23.53
N ILE B 198 -15.58 -1.11 22.95
CA ILE B 198 -15.91 -0.68 21.58
C ILE B 198 -17.25 0.04 21.57
N ASN B 199 -17.35 1.13 20.80
CA ASN B 199 -18.60 1.90 20.71
C ASN B 199 -19.67 1.20 19.82
N GLU B 200 -20.94 1.37 20.19
CA GLU B 200 -22.07 0.85 19.42
C GLU B 200 -22.35 1.83 18.25
N PRO B 201 -22.68 1.32 17.05
CA PRO B 201 -22.77 -0.08 16.69
C PRO B 201 -21.38 -0.56 16.37
N ILE B 202 -21.04 -1.78 16.75
CA ILE B 202 -19.69 -2.30 16.46
C ILE B 202 -19.46 -2.42 14.95
N PHE B 203 -18.26 -2.10 14.49
CA PHE B 203 -17.92 -2.23 13.07
C PHE B 203 -17.30 -3.64 12.86
N THR B 204 -18.16 -4.57 12.49
CA THR B 204 -17.83 -5.98 12.38
C THR B 204 -16.60 -6.39 11.59
N PRO B 205 -16.26 -5.68 10.47
CA PRO B 205 -15.02 -6.05 9.77
C PRO B 205 -13.76 -5.98 10.66
N TYR B 206 -13.76 -5.04 11.62
CA TYR B 206 -12.63 -4.94 12.58
C TYR B 206 -12.64 -6.15 13.52
N LEU B 207 -13.83 -6.59 13.91
CA LEU B 207 -13.96 -7.71 14.82
C LEU B 207 -13.56 -9.05 14.19
N ARG B 208 -13.43 -9.08 12.86
CA ARG B 208 -12.98 -10.28 12.14
C ARG B 208 -11.49 -10.36 11.98
N ILE B 209 -10.76 -9.44 12.59
CA ILE B 209 -9.31 -9.53 12.66
C ILE B 209 -9.08 -10.72 13.63
N PRO B 210 -8.30 -11.74 13.22
CA PRO B 210 -8.16 -12.96 14.05
C PRO B 210 -7.80 -12.79 15.51
N GLU B 211 -6.87 -11.89 15.78
CA GLU B 211 -6.36 -11.65 17.13
C GLU B 211 -7.46 -11.15 18.09
N LEU B 212 -8.51 -10.51 17.56
CA LEU B 212 -9.62 -10.05 18.37
C LEU B 212 -10.45 -11.19 18.98
N LYS B 213 -10.32 -12.42 18.45
CA LYS B 213 -11.00 -13.59 19.01
C LYS B 213 -10.50 -13.75 20.47
N ASP B 214 -9.24 -13.36 20.70
CA ASP B 214 -8.55 -13.53 21.98
C ASP B 214 -8.73 -12.43 23.03
N TYR B 215 -9.43 -11.35 22.70
CA TYR B 215 -9.69 -10.29 23.68
C TYR B 215 -11.16 -10.34 24.04
N GLU B 216 -11.53 -9.88 25.23
CA GLU B 216 -12.94 -9.81 25.58
CA GLU B 216 -12.94 -9.78 25.64
C GLU B 216 -13.45 -8.42 25.18
N LEU B 217 -14.42 -8.43 24.28
CA LEU B 217 -14.98 -7.21 23.74
C LEU B 217 -16.21 -6.76 24.50
N VAL B 218 -16.19 -5.50 24.96
CA VAL B 218 -17.30 -4.87 25.66
C VAL B 218 -17.90 -3.77 24.76
N GLU B 219 -19.17 -3.93 24.38
CA GLU B 219 -19.84 -2.89 23.59
C GLU B 219 -20.34 -1.82 24.58
N VAL B 220 -20.05 -0.56 24.25
CA VAL B 220 -20.45 0.59 25.08
C VAL B 220 -21.33 1.56 24.27
N ASP B 221 -22.46 1.95 24.83
CA ASP B 221 -23.41 2.89 24.24
C ASP B 221 -23.35 4.24 24.99
N LEU B 222 -22.71 5.23 24.38
CA LEU B 222 -22.54 6.56 24.98
C LEU B 222 -23.58 7.61 24.53
N HIS B 223 -24.77 7.14 24.14
CA HIS B 223 -25.89 8.02 23.77
C HIS B 223 -26.64 8.44 25.04
N SER B 224 -27.08 9.70 25.07
CA SER B 224 -27.87 10.25 26.16
C SER B 224 -29.38 10.04 25.86
N TYR B 225 -30.11 9.37 26.76
CA TYR B 225 -31.55 9.07 26.56
C TYR B 225 -32.53 9.86 27.43
N GLU B 226 -33.76 9.98 26.91
CA GLU B 226 -34.89 10.55 27.64
C GLU B 226 -35.11 9.74 28.93
N LYS B 227 -34.89 8.41 28.84
CA LYS B 227 -35.03 7.46 29.96
C LYS B 227 -34.28 7.97 31.18
N ASN B 228 -33.06 8.44 30.94
CA ASN B 228 -32.22 9.06 31.96
C ASN B 228 -32.55 10.56 31.86
N ASP B 229 -31.76 11.42 32.46
CA ASP B 229 -32.12 12.84 32.37
C ASP B 229 -31.36 13.44 31.19
N TRP B 230 -31.59 12.86 30.01
CA TRP B 230 -30.87 13.21 28.77
C TRP B 230 -29.38 13.10 29.01
N GLU B 231 -29.00 11.98 29.61
CA GLU B 231 -27.60 11.67 29.88
C GLU B 231 -27.38 10.17 29.72
N ILE B 232 -26.12 9.76 29.78
CA ILE B 232 -25.74 8.37 29.49
C ILE B 232 -26.20 7.39 30.58
N GLU B 233 -26.67 6.22 30.15
CA GLU B 233 -27.07 5.16 31.10
C GLU B 233 -25.90 4.89 32.05
N PRO B 234 -26.17 4.89 33.38
CA PRO B 234 -25.16 4.59 34.40
C PRO B 234 -24.35 3.31 34.20
N ASN B 235 -25.00 2.24 33.71
CA ASN B 235 -24.29 0.97 33.47
CA ASN B 235 -24.32 0.97 33.46
C ASN B 235 -23.37 1.05 32.27
N GLU B 236 -23.60 2.01 31.37
CA GLU B 236 -22.69 2.18 30.22
C GLU B 236 -21.42 2.92 30.65
N ILE B 237 -21.55 3.86 31.57
CA ILE B 237 -20.40 4.59 32.12
C ILE B 237 -19.55 3.68 33.03
N GLU B 238 -20.20 2.72 33.68
CA GLU B 238 -19.55 1.73 34.52
C GLU B 238 -18.66 0.85 33.66
N LYS B 239 -19.26 0.34 32.60
CA LYS B 239 -18.57 -0.52 31.62
C LYS B 239 -17.35 0.17 31.02
N LEU B 240 -17.54 1.41 30.62
CA LEU B 240 -16.45 2.21 30.06
C LEU B 240 -15.32 2.49 31.08
N LYS B 241 -15.67 2.71 32.35
CA LYS B 241 -14.69 3.08 33.37
C LYS B 241 -14.14 1.89 34.13
N ASP B 242 -14.59 0.70 33.75
CA ASP B 242 -14.12 -0.56 34.31
C ASP B 242 -12.57 -0.59 34.29
N PRO B 243 -11.94 -0.69 35.48
CA PRO B 243 -10.47 -0.71 35.59
C PRO B 243 -9.77 -1.73 34.66
N SER B 244 -10.52 -2.75 34.24
CA SER B 244 -10.06 -3.84 33.36
C SER B 244 -10.01 -3.54 31.88
N ILE B 245 -10.75 -2.50 31.45
CA ILE B 245 -10.70 -2.04 30.08
C ILE B 245 -9.29 -1.49 29.81
N LYS B 246 -8.62 -2.11 28.84
CA LYS B 246 -7.24 -1.79 28.54
C LYS B 246 -7.17 -0.81 27.37
N ALA B 247 -8.17 -0.89 26.49
CA ALA B 247 -8.22 -0.07 25.32
C ALA B 247 -9.68 0.24 24.97
N LEU B 248 -9.86 1.38 24.33
CA LEU B 248 -11.13 1.81 23.78
C LEU B 248 -10.88 1.96 22.25
N ILE B 249 -11.68 1.26 21.44
CA ILE B 249 -11.58 1.33 19.98
C ILE B 249 -12.90 1.88 19.45
N VAL B 250 -12.86 3.06 18.84
CA VAL B 250 -14.08 3.69 18.35
C VAL B 250 -14.04 4.17 16.89
N VAL B 251 -15.22 4.13 16.27
CA VAL B 251 -15.43 4.71 14.95
C VAL B 251 -16.31 5.91 15.32
N ASN B 252 -15.76 7.11 15.14
CA ASN B 252 -16.46 8.35 15.46
C ASN B 252 -16.25 9.44 14.39
N PRO B 253 -17.30 9.80 13.61
CA PRO B 253 -18.69 9.27 13.61
C PRO B 253 -18.88 7.81 13.15
N THR B 254 -19.96 7.23 13.64
CA THR B 254 -20.27 5.83 13.42
C THR B 254 -20.77 5.46 12.02
N ASN B 255 -20.52 4.20 11.68
CA ASN B 255 -20.99 3.61 10.44
C ASN B 255 -21.78 2.37 10.92
N PRO B 256 -23.08 2.25 10.54
CA PRO B 256 -23.93 3.14 9.69
C PRO B 256 -24.80 4.13 10.42
N THR B 257 -24.73 4.16 11.74
CA THR B 257 -25.58 5.04 12.52
CA THR B 257 -25.57 5.05 12.53
C THR B 257 -25.30 6.52 12.22
N SER B 258 -24.10 6.84 11.74
CA SER B 258 -23.76 8.19 11.27
C SER B 258 -23.88 9.33 12.27
N LYS B 259 -23.47 9.09 13.51
CA LYS B 259 -23.53 10.09 14.60
C LYS B 259 -22.17 10.37 15.22
N GLU B 260 -21.85 11.65 15.42
CA GLU B 260 -20.63 11.98 16.18
C GLU B 260 -21.00 11.93 17.67
N PHE B 261 -19.99 11.66 18.51
CA PHE B 261 -20.17 11.68 19.96
C PHE B 261 -20.50 13.10 20.36
N ASP B 262 -21.48 13.25 21.25
CA ASP B 262 -21.85 14.56 21.75
C ASP B 262 -20.94 14.91 22.93
N THR B 263 -21.20 16.06 23.53
CA THR B 263 -20.49 16.56 24.69
C THR B 263 -20.48 15.52 25.82
N ASN B 264 -21.66 15.00 26.18
CA ASN B 264 -21.75 13.95 27.20
C ASN B 264 -20.81 12.78 26.93
N ALA B 265 -20.78 12.28 25.69
CA ALA B 265 -19.92 11.11 25.35
C ALA B 265 -18.41 11.46 25.43
N LEU B 266 -18.04 12.61 24.88
CA LEU B 266 -16.68 13.12 24.97
C LEU B 266 -16.30 13.37 26.46
N ASN B 267 -17.20 13.95 27.26
CA ASN B 267 -16.90 14.11 28.70
C ASN B 267 -16.56 12.75 29.36
N ALA B 268 -17.43 11.77 29.14
CA ALA B 268 -17.26 10.39 29.66
C ALA B 268 -15.91 9.79 29.31
N ILE B 269 -15.43 10.02 28.07
CA ILE B 269 -14.14 9.50 27.61
C ILE B 269 -13.01 10.22 28.32
N LYS B 270 -13.16 11.53 28.48
CA LYS B 270 -12.15 12.33 29.18
C LYS B 270 -12.04 11.92 30.65
N GLN B 271 -13.20 11.62 31.27
CA GLN B 271 -13.29 11.15 32.65
C GLN B 271 -12.68 9.75 32.80
N ALA B 272 -12.87 8.90 31.78
CA ALA B 272 -12.28 7.55 31.79
C ALA B 272 -10.76 7.62 31.77
N VAL B 273 -10.24 8.60 31.04
CA VAL B 273 -8.79 8.85 30.94
C VAL B 273 -8.25 9.46 32.23
N GLU B 274 -9.03 10.33 32.87
CA GLU B 274 -8.62 10.86 34.17
C GLU B 274 -8.52 9.71 35.18
N LYS B 275 -9.54 8.86 35.19
CA LYS B 275 -9.59 7.70 36.12
C LYS B 275 -8.54 6.64 35.83
N ASN B 276 -8.33 6.33 34.55
CA ASN B 276 -7.30 5.38 34.12
C ASN B 276 -6.36 6.02 33.07
N PRO B 277 -5.30 6.70 33.53
CA PRO B 277 -4.32 7.36 32.64
C PRO B 277 -3.54 6.45 31.67
N LYS B 278 -3.70 5.13 31.77
CA LYS B 278 -3.01 4.19 30.90
C LYS B 278 -3.88 3.64 29.78
N LEU B 279 -5.16 4.03 29.79
CA LEU B 279 -6.13 3.66 28.77
C LEU B 279 -5.63 4.06 27.37
N ILE B 281 -6.59 4.64 23.46
CA ILE B 281 -7.74 4.91 22.56
C ILE B 281 -7.30 4.84 21.07
N ILE B 282 -8.11 4.19 20.25
CA ILE B 282 -7.95 4.22 18.80
C ILE B 282 -9.23 4.86 18.29
N SER B 283 -9.10 5.97 17.57
CA SER B 283 -10.30 6.64 17.04
C SER B 283 -10.22 6.77 15.52
N ASP B 284 -11.14 6.06 14.84
CA ASP B 284 -11.31 6.08 13.39
C ASP B 284 -12.32 7.20 13.06
N GLU B 285 -11.77 8.32 12.58
CA GLU B 285 -12.56 9.51 12.31
C GLU B 285 -12.69 9.93 10.83
N VAL B 286 -12.83 8.93 9.96
CA VAL B 286 -13.04 9.14 8.52
C VAL B 286 -14.30 9.98 8.17
N TYR B 287 -15.33 9.96 9.02
CA TYR B 287 -16.57 10.70 8.73
C TYR B 287 -16.74 12.04 9.43
N GLY B 288 -15.71 12.46 10.16
CA GLY B 288 -15.76 13.72 10.91
C GLY B 288 -16.09 14.98 10.12
N ALA B 289 -15.47 15.14 8.94
CA ALA B 289 -15.74 16.32 8.10
C ALA B 289 -17.21 16.44 7.64
N PHE B 290 -18.01 15.37 7.80
CA PHE B 290 -19.44 15.40 7.41
C PHE B 290 -20.37 16.04 8.44
N VAL B 291 -19.85 16.33 9.64
CA VAL B 291 -20.64 17.05 10.66
C VAL B 291 -19.94 18.37 10.94
N PRO B 292 -20.75 19.45 11.11
CA PRO B 292 -20.21 20.73 11.53
C PRO B 292 -19.54 20.67 12.90
N ASN B 293 -18.49 21.46 13.08
CA ASN B 293 -17.79 21.61 14.34
C ASN B 293 -17.38 20.28 14.95
N PHE B 294 -16.87 19.38 14.12
CA PHE B 294 -16.43 18.09 14.59
C PHE B 294 -15.27 18.24 15.59
N LYS B 295 -15.35 17.47 16.67
CA LYS B 295 -14.37 17.46 17.73
C LYS B 295 -13.75 16.08 17.78
N SER B 296 -12.49 16.01 17.36
CA SER B 296 -11.73 14.77 17.36
C SER B 296 -11.46 14.33 18.81
N ILE B 297 -11.34 13.01 19.01
CA ILE B 297 -11.04 12.42 20.33
C ILE B 297 -9.56 12.71 20.66
N TYR B 298 -8.72 12.76 19.63
CA TYR B 298 -7.33 13.11 19.76
C TYR B 298 -7.18 14.55 20.29
N SER B 299 -8.10 15.43 19.91
CA SER B 299 -8.06 16.80 20.40
C SER B 299 -8.51 16.90 21.85
N VAL B 300 -9.33 15.95 22.34
CA VAL B 300 -9.82 15.94 23.73
C VAL B 300 -8.83 15.29 24.71
N VAL B 301 -8.31 14.12 24.34
CA VAL B 301 -7.35 13.34 25.15
C VAL B 301 -6.15 12.90 24.29
N PRO B 302 -5.34 13.88 23.81
CA PRO B 302 -4.17 13.63 22.90
C PRO B 302 -3.11 12.63 23.40
N TYR B 303 -2.81 12.60 24.70
CA TYR B 303 -1.80 11.65 25.22
C TYR B 303 -2.21 10.17 25.05
N ASN B 304 -3.50 9.91 25.18
CA ASN B 304 -4.01 8.54 25.15
C ASN B 304 -4.56 8.04 23.85
N THR B 305 -4.58 8.89 22.83
CA THR B 305 -5.24 8.55 21.58
C THR B 305 -4.36 8.44 20.32
N LEU B 307 -5.01 8.42 16.47
CA LEU B 307 -5.98 8.86 15.49
C LEU B 307 -5.74 8.17 14.15
N VAL B 308 -6.82 7.63 13.60
CA VAL B 308 -6.83 7.05 12.26
C VAL B 308 -7.74 7.91 11.38
N TYR B 309 -7.13 8.51 10.36
CA TYR B 309 -7.86 9.32 9.41
C TYR B 309 -7.77 8.70 7.99
N SER B 310 -8.83 8.93 7.21
CA SER B 310 -8.83 8.56 5.81
C SER B 310 -9.36 9.69 4.96
N TYR B 311 -8.68 9.95 3.83
CA TYR B 311 -9.12 10.97 2.88
C TYR B 311 -10.30 10.46 2.01
N SER B 312 -10.52 9.15 2.03
CA SER B 312 -11.46 8.43 1.15
C SER B 312 -12.84 8.98 0.91
N LEU B 314 -14.52 11.87 2.00
CA LEU B 314 -14.73 13.26 1.63
C LEU B 314 -14.22 13.58 0.20
N PHE B 315 -13.02 13.10 -0.11
CA PHE B 315 -12.37 13.51 -1.34
C PHE B 315 -12.68 12.66 -2.54
N GLY B 316 -13.49 11.60 -2.34
CA GLY B 316 -13.85 10.66 -3.38
C GLY B 316 -12.64 9.97 -3.97
N CYS B 317 -11.76 9.51 -3.09
CA CYS B 317 -10.49 8.90 -3.48
C CYS B 317 -10.25 7.54 -2.88
N THR B 318 -11.27 6.69 -2.83
CA THR B 318 -11.13 5.35 -2.25
C THR B 318 -10.10 4.48 -3.00
N GLY B 319 -9.90 4.75 -4.29
CA GLY B 319 -8.95 4.01 -5.11
C GLY B 319 -7.51 4.30 -4.85
N TRP B 320 -7.25 5.50 -4.32
CA TRP B 320 -5.90 5.98 -3.97
C TRP B 320 -5.31 5.33 -2.73
N ARG B 321 -6.21 4.87 -1.83
CA ARG B 321 -5.84 4.19 -0.59
CA ARG B 321 -5.89 4.21 -0.56
C ARG B 321 -5.04 5.14 0.31
N LEU B 322 -5.69 6.21 0.79
CA LEU B 322 -5.01 7.28 1.58
C LEU B 322 -5.40 7.37 3.05
N GLY B 323 -4.58 6.75 3.90
CA GLY B 323 -4.79 6.75 5.34
C GLY B 323 -3.67 7.43 6.08
N VAL B 324 -3.96 7.87 7.29
CA VAL B 324 -2.92 8.42 8.15
C VAL B 324 -3.09 7.96 9.60
N ILE B 325 -1.99 7.52 10.20
CA ILE B 325 -1.95 7.26 11.66
C ILE B 325 -1.28 8.48 12.31
N ALA B 326 -1.92 9.03 13.34
CA ALA B 326 -1.36 10.15 14.11
C ALA B 326 -1.22 9.82 15.61
N LEU B 327 -0.05 10.10 16.16
CA LEU B 327 0.23 9.92 17.58
C LEU B 327 0.97 11.14 18.09
N ASN B 328 0.72 11.50 19.35
CA ASN B 328 1.42 12.63 19.95
C ASN B 328 2.85 12.19 20.18
N GLU B 329 3.80 13.11 20.05
CA GLU B 329 5.20 12.76 20.33
C GLU B 329 5.36 12.22 21.76
N LYS B 330 4.51 12.66 22.67
CA LYS B 330 4.45 12.11 24.01
C LYS B 330 3.07 11.43 24.12
N ASN B 331 3.08 10.09 24.12
CA ASN B 331 1.85 9.31 24.20
C ASN B 331 1.90 8.12 25.22
N VAL B 332 0.70 7.59 25.48
CA VAL B 332 0.47 6.50 26.41
C VAL B 332 1.02 5.17 25.91
N PHE B 333 1.09 4.99 24.61
CA PHE B 333 1.56 3.73 24.00
C PHE B 333 3.05 3.53 24.33
N ASP B 334 3.86 4.57 24.10
CA ASP B 334 5.28 4.57 24.48
C ASP B 334 5.54 4.43 25.96
N ASP B 335 4.67 5.04 26.76
CA ASP B 335 4.80 4.96 28.19
C ASP B 335 4.42 3.57 28.71
N ASN B 336 3.33 3.01 28.19
CA ASN B 336 2.91 1.65 28.55
C ASN B 336 3.98 0.62 28.20
N ILE B 337 4.68 0.84 27.08
CA ILE B 337 5.80 -0.02 26.71
C ILE B 337 6.98 0.12 27.68
N ALA B 338 7.27 1.34 28.15
CA ALA B 338 8.39 1.58 29.07
C ALA B 338 8.13 0.97 30.45
N HIS B 339 6.86 0.78 30.79
CA HIS B 339 6.46 0.16 32.04
C HIS B 339 6.21 -1.36 31.97
N LEU B 340 6.66 -2.03 30.91
CA LEU B 340 6.56 -3.51 30.79
C LEU B 340 7.69 -4.19 31.59
N ASP B 341 7.59 -5.52 31.75
CA ASP B 341 8.59 -6.35 32.45
C ASP B 341 9.96 -6.22 31.85
N LYS B 342 10.96 -6.61 32.65
CA LYS B 342 12.35 -6.65 32.20
C LYS B 342 12.43 -7.68 31.04
N VAL B 343 11.70 -8.79 31.16
CA VAL B 343 11.74 -9.88 30.16
C VAL B 343 11.07 -9.44 28.85
N GLU B 344 9.93 -8.77 28.95
CA GLU B 344 9.22 -8.23 27.77
C GLU B 344 10.02 -7.11 27.10
N LEU B 345 10.65 -6.24 27.90
CA LEU B 345 11.49 -5.17 27.36
C LEU B 345 12.73 -5.72 26.64
N ARG B 346 13.26 -6.84 27.14
CA ARG B 346 14.41 -7.47 26.53
C ARG B 346 14.06 -8.09 25.18
N GLN B 347 12.89 -8.68 25.09
CA GLN B 347 12.40 -9.26 23.83
C GLN B 347 12.17 -8.15 22.78
N LEU B 348 11.58 -7.03 23.20
CA LEU B 348 11.37 -5.89 22.30
C LEU B 348 12.69 -5.27 21.87
N HIS B 349 13.70 -5.32 22.73
CA HIS B 349 15.01 -4.78 22.39
C HIS B 349 15.59 -5.59 21.21
N LYS B 350 15.69 -6.90 21.40
CA LYS B 350 16.16 -7.82 20.37
C LYS B 350 15.39 -7.70 19.05
N ARG B 351 14.07 -7.47 19.15
CA ARG B 351 13.21 -7.29 18.00
C ARG B 351 13.62 -6.12 17.05
N TYR B 352 13.82 -4.95 17.64
CA TYR B 352 14.11 -3.77 16.86
C TYR B 352 15.60 -3.48 16.71
N SER B 353 16.46 -4.15 17.49
CA SER B 353 17.91 -3.89 17.43
C SER B 353 18.61 -4.27 16.12
N SER B 354 18.01 -5.12 15.31
CA SER B 354 18.64 -5.53 14.06
C SER B 354 18.67 -4.40 13.06
N VAL B 355 17.74 -3.45 13.21
CA VAL B 355 17.51 -2.35 12.28
C VAL B 355 17.66 -0.95 12.86
N VAL B 356 17.70 -0.79 14.18
CA VAL B 356 17.95 0.54 14.78
C VAL B 356 18.95 0.45 15.93
N LEU B 357 19.73 1.52 16.10
CA LEU B 357 20.79 1.60 17.14
C LEU B 357 20.28 1.68 18.60
N ASP B 358 19.17 2.41 18.82
CA ASP B 358 18.60 2.58 20.16
C ASP B 358 17.14 2.11 20.19
N PRO B 359 16.92 0.80 20.13
CA PRO B 359 15.58 0.24 20.14
C PRO B 359 14.70 0.62 21.33
N ASP B 360 15.28 0.67 22.52
CA ASP B 360 14.56 0.97 23.77
C ASP B 360 13.84 2.31 23.72
N LYS B 361 14.36 3.25 22.92
CA LYS B 361 13.76 4.58 22.78
C LYS B 361 13.01 4.80 21.46
N LYS B 363 10.16 5.15 19.09
CA LYS B 363 8.76 5.50 19.30
C LYS B 363 7.82 4.48 18.63
N PHE B 364 6.67 4.29 19.26
CA PHE B 364 5.63 3.40 18.74
C PHE B 364 5.20 3.72 17.31
N ILE B 365 5.07 5.01 16.98
CA ILE B 365 4.75 5.47 15.61
C ILE B 365 5.76 4.86 14.57
N ASP B 366 7.02 4.77 14.96
CA ASP B 366 8.09 4.18 14.16
C ASP B 366 8.06 2.67 14.16
N ARG B 367 7.63 2.09 15.28
CA ARG B 367 7.46 0.63 15.44
C ARG B 367 6.38 0.14 14.53
N LEU B 368 5.30 0.93 14.45
CA LEU B 368 4.20 0.68 13.53
C LEU B 368 4.69 0.53 12.08
N CYS B 369 5.57 1.44 11.68
CA CYS B 369 6.15 1.43 10.35
C CYS B 369 7.06 0.21 10.16
N ALA B 370 7.97 -0.03 11.11
CA ALA B 370 8.87 -1.21 11.09
C ALA B 370 8.12 -2.55 11.12
N ASP B 371 7.08 -2.64 11.94
CA ASP B 371 6.26 -3.84 12.05
C ASP B 371 5.53 -4.13 10.75
N SER B 372 5.09 -3.08 10.07
CA SER B 372 4.31 -3.18 8.85
C SER B 372 5.03 -3.96 7.72
N ARG B 373 6.36 -3.87 7.72
CA ARG B 373 7.20 -4.58 6.77
C ARG B 373 8.12 -5.60 7.46
N SER B 374 7.57 -6.21 8.52
CA SER B 374 8.20 -7.32 9.31
C SER B 374 9.64 -7.08 9.74
N ILE B 375 9.91 -5.88 10.22
CA ILE B 375 11.23 -5.50 10.70
C ILE B 375 12.33 -5.41 9.60
N GLY B 376 12.68 -6.54 8.98
CA GLY B 376 13.74 -6.60 7.97
C GLY B 376 13.64 -5.65 6.78
N LEU B 377 12.41 -5.35 6.34
CA LEU B 377 12.13 -4.48 5.19
C LEU B 377 11.68 -3.07 5.60
N TYR B 378 11.98 -2.70 6.85
CA TYR B 378 11.71 -1.38 7.39
C TYR B 378 12.31 -0.20 6.56
N HIS B 379 13.49 -0.39 5.98
CA HIS B 379 14.12 0.72 5.25
C HIS B 379 13.62 0.96 3.80
N THR B 380 12.65 0.16 3.37
CA THR B 380 11.95 0.42 2.11
C THR B 380 10.45 0.43 2.41
N ALA B 381 10.14 0.60 3.70
CA ALA B 381 8.77 0.70 4.17
C ALA B 381 8.23 2.10 3.88
N GLY B 382 6.94 2.27 4.13
CA GLY B 382 6.25 3.52 3.85
C GLY B 382 5.31 3.47 2.66
N LEU B 383 4.41 4.47 2.65
CA LEU B 383 3.39 4.63 1.61
C LEU B 383 4.06 5.21 0.36
N SER B 384 3.58 4.83 -0.82
CA SER B 384 4.13 5.36 -2.06
C SER B 384 4.14 6.89 -2.01
N THR B 385 5.16 7.47 -2.63
CA THR B 385 5.27 8.90 -2.68
C THR B 385 4.14 9.55 -3.47
N PRO B 386 3.69 8.94 -4.60
CA PRO B 386 2.50 9.56 -5.19
C PRO B 386 1.28 9.61 -4.24
N GLN B 387 1.12 8.58 -3.40
CA GLN B 387 0.02 8.56 -2.44
C GLN B 387 0.17 9.65 -1.37
N GLN B 388 1.40 9.80 -0.86
CA GLN B 388 1.71 10.80 0.14
C GLN B 388 1.53 12.22 -0.40
N ILE B 389 1.92 12.44 -1.68
CA ILE B 389 1.77 13.73 -2.35
C ILE B 389 0.30 14.05 -2.62
N GLU B 391 -2.11 12.95 -0.63
CA GLU B 391 -2.60 13.38 0.68
C GLU B 391 -2.20 14.83 0.93
N ALA B 392 -0.97 15.21 0.55
CA ALA B 392 -0.49 16.60 0.72
C ALA B 392 -1.31 17.61 -0.07
N LEU B 393 -1.65 17.24 -1.30
CA LEU B 393 -2.42 18.11 -2.19
C LEU B 393 -3.88 18.26 -1.73
N PHE B 394 -4.53 17.17 -1.31
CA PHE B 394 -5.89 17.26 -0.81
C PHE B 394 -5.91 18.14 0.45
N SER B 395 -4.90 17.97 1.29
CA SER B 395 -4.72 18.80 2.49
C SER B 395 -4.60 20.32 2.20
N THR B 397 -5.74 21.92 -0.43
CA THR B 397 -7.00 22.45 -0.99
C THR B 397 -7.86 23.07 0.12
N HIS B 398 -7.90 22.36 1.23
CA HIS B 398 -8.60 22.79 2.41
C HIS B 398 -7.93 23.99 3.13
N LEU B 399 -6.64 23.87 3.43
CA LEU B 399 -5.85 24.88 4.11
C LEU B 399 -5.88 26.26 3.43
N LEU B 400 -5.97 26.24 2.09
CA LEU B 400 -6.03 27.45 1.29
C LEU B 400 -7.41 28.10 1.28
N THR B 401 -8.45 27.33 1.59
CA THR B 401 -9.82 27.79 1.46
C THR B 401 -10.70 27.55 2.69
N SER B 402 -10.13 27.13 3.82
CA SER B 402 -10.94 26.82 5.02
C SER B 402 -11.69 28.03 5.59
N THR B 403 -12.82 27.74 6.23
CA THR B 403 -13.68 28.72 6.88
C THR B 403 -14.14 28.13 8.23
N ASN B 404 -14.96 28.90 8.97
CA ASN B 404 -15.44 28.56 10.32
C ASN B 404 -14.34 27.98 11.20
N GLY B 405 -13.21 28.68 11.26
CA GLY B 405 -12.10 28.26 12.11
C GLY B 405 -11.26 27.10 11.62
N GLY B 406 -11.63 26.52 10.48
CA GLY B 406 -10.87 25.42 9.90
C GLY B 406 -11.71 24.22 9.58
N SER B 407 -12.84 24.10 10.28
CA SER B 407 -13.81 23.00 10.12
C SER B 407 -14.43 22.81 8.71
N ASP B 408 -14.74 23.93 8.08
CA ASP B 408 -15.38 23.91 6.79
C ASP B 408 -14.42 24.37 5.69
N ASP B 409 -14.88 24.16 4.46
CA ASP B 409 -14.26 24.73 3.26
C ASP B 409 -15.34 24.60 2.18
N PRO B 410 -15.16 25.28 1.03
CA PRO B 410 -16.21 25.25 0.02
C PRO B 410 -16.58 23.87 -0.54
N TYR B 411 -15.59 22.98 -0.66
CA TYR B 411 -15.78 21.63 -1.14
C TYR B 411 -16.52 20.79 -0.09
N ILE B 412 -16.11 20.91 1.17
CA ILE B 412 -16.75 20.23 2.29
C ILE B 412 -18.22 20.66 2.43
N ASP B 413 -18.51 21.94 2.20
CA ASP B 413 -19.88 22.46 2.27
C ASP B 413 -20.74 21.83 1.14
N ILE B 414 -20.14 21.57 -0.02
CA ILE B 414 -20.82 20.87 -1.12
C ILE B 414 -21.07 19.36 -0.83
N ALA B 415 -20.09 18.69 -0.24
CA ALA B 415 -20.23 17.26 0.11
C ALA B 415 -21.33 17.02 1.16
N ARG B 416 -21.36 17.86 2.18
CA ARG B 416 -22.38 17.76 3.21
C ARG B 416 -23.79 17.96 2.65
N LYS B 417 -23.88 18.87 1.68
CA LYS B 417 -25.14 19.25 1.07
C LYS B 417 -25.62 18.12 0.15
N LEU B 418 -24.69 17.50 -0.56
CA LEU B 418 -25.00 16.39 -1.42
C LEU B 418 -25.59 15.20 -0.63
N VAL B 419 -24.90 14.77 0.42
CA VAL B 419 -25.39 13.62 1.21
C VAL B 419 -26.68 13.92 1.97
N SER B 420 -26.83 15.18 2.37
CA SER B 420 -28.02 15.62 3.09
CA SER B 420 -28.01 15.65 3.09
C SER B 420 -29.21 15.73 2.15
N GLU B 421 -28.95 16.09 0.90
CA GLU B 421 -30.00 16.19 -0.09
C GLU B 421 -30.50 14.79 -0.46
N ARG B 422 -29.58 13.84 -0.62
CA ARG B 422 -29.93 12.44 -0.94
C ARG B 422 -30.65 11.77 0.22
N TYR B 423 -30.24 12.13 1.43
CA TYR B 423 -30.87 11.65 2.67
C TYR B 423 -32.31 12.16 2.78
N ASP B 424 -32.51 13.46 2.57
CA ASP B 424 -33.88 14.03 2.61
C ASP B 424 -34.79 13.44 1.53
N GLN B 425 -34.24 13.32 0.32
CA GLN B 425 -34.95 12.79 -0.82
C GLN B 425 -35.47 11.39 -0.46
N LEU B 426 -34.60 10.55 0.11
CA LEU B 426 -34.94 9.19 0.54
C LEU B 426 -36.06 9.14 1.57
N HIS B 427 -35.89 9.91 2.64
CA HIS B 427 -36.81 9.95 3.77
C HIS B 427 -38.16 10.56 3.45
N ASP B 428 -38.16 11.68 2.74
CA ASP B 428 -39.42 12.34 2.36
C ASP B 428 -40.25 11.41 1.46
N ALA B 429 -39.58 10.72 0.53
CA ALA B 429 -40.23 9.77 -0.40
C ALA B 429 -40.85 8.56 0.32
N GLN B 431 -41.59 8.56 3.69
CA GLN B 431 -42.27 9.01 4.91
C GLN B 431 -41.53 8.43 6.14
N ALA B 432 -40.20 8.38 6.10
CA ALA B 432 -39.42 7.88 7.23
C ALA B 432 -39.00 9.06 8.13
N PRO B 433 -38.90 8.81 9.45
CA PRO B 433 -38.49 9.88 10.38
C PRO B 433 -37.01 10.22 10.18
N LYS B 434 -36.72 11.52 10.18
CA LYS B 434 -35.36 12.03 9.97
C LYS B 434 -34.68 12.57 11.23
N ASP B 435 -33.36 12.56 11.18
CA ASP B 435 -32.48 13.15 12.18
C ASP B 435 -31.79 14.33 11.45
N GLU B 436 -32.23 15.55 11.77
CA GLU B 436 -31.68 16.77 11.15
C GLU B 436 -30.76 17.54 12.11
N THR B 437 -30.17 16.80 13.05
CA THR B 437 -29.25 17.33 14.04
C THR B 437 -27.86 17.58 13.46
N ASP B 438 -27.14 18.45 14.16
CA ASP B 438 -25.74 18.85 13.94
C ASP B 438 -24.77 17.67 14.19
N THR B 439 -25.26 16.57 14.76
CA THR B 439 -24.47 15.39 15.07
CA THR B 439 -24.42 15.41 15.02
C THR B 439 -24.59 14.26 14.00
N ASN B 440 -25.46 14.46 12.99
CA ASN B 440 -25.66 13.45 11.95
C ASN B 440 -24.88 13.80 10.67
N THR B 441 -24.08 12.84 10.19
CA THR B 441 -23.30 13.02 8.98
C THR B 441 -24.18 12.85 7.72
N HIS B 442 -25.32 12.19 7.88
CA HIS B 442 -26.24 11.84 6.78
C HIS B 442 -25.58 10.93 5.72
N TYR B 443 -24.48 10.26 6.06
CA TYR B 443 -23.76 9.45 5.08
C TYR B 443 -24.52 8.15 4.76
N TYR B 444 -25.03 7.53 5.81
CA TYR B 444 -25.86 6.34 5.69
C TYR B 444 -27.16 6.63 6.40
N SER B 445 -28.18 5.83 6.07
CA SER B 445 -29.42 5.84 6.81
C SER B 445 -29.87 4.44 7.18
N LEU B 446 -30.49 4.35 8.35
CA LEU B 446 -31.04 3.13 8.91
C LEU B 446 -32.49 3.45 9.11
N ILE B 447 -33.35 2.76 8.37
CA ILE B 447 -34.79 3.03 8.41
C ILE B 447 -35.53 1.77 8.81
N ASP B 448 -36.25 1.87 9.91
CA ASP B 448 -37.03 0.76 10.45
C ASP B 448 -38.30 0.55 9.60
N ILE B 449 -38.22 -0.48 8.76
CA ILE B 449 -39.25 -0.89 7.82
C ILE B 449 -40.43 -1.51 8.54
N TYR B 450 -40.15 -2.22 9.63
CA TYR B 450 -41.21 -2.84 10.45
C TYR B 450 -42.10 -1.80 11.10
N ARG B 451 -41.48 -0.78 11.68
CA ARG B 451 -42.21 0.34 12.26
C ARG B 451 -42.98 1.11 11.17
N LEU B 452 -42.37 1.28 10.01
CA LEU B 452 -43.02 1.96 8.88
C LEU B 452 -44.27 1.16 8.40
N ALA B 453 -44.15 -0.17 8.32
CA ALA B 453 -45.25 -1.04 7.91
C ALA B 453 -46.43 -1.02 8.90
N GLU B 454 -46.11 -0.87 10.19
CA GLU B 454 -47.13 -0.85 11.24
C GLU B 454 -47.92 0.46 11.19
N LYS B 455 -47.20 1.56 11.05
CA LYS B 455 -47.80 2.90 10.96
C LYS B 455 -48.81 3.00 9.80
N ILE B 456 -48.43 2.45 8.65
CA ILE B 456 -49.25 2.49 7.45
C ILE B 456 -50.36 1.44 7.47
N TYR B 457 -50.05 0.21 7.87
CA TYR B 457 -51.05 -0.88 7.82
C TYR B 457 -51.51 -1.56 9.10
N GLY B 458 -50.94 -1.17 10.24
CA GLY B 458 -51.29 -1.78 11.53
C GLY B 458 -50.38 -2.92 11.99
N LYS B 459 -50.53 -3.27 13.27
CA LYS B 459 -49.73 -4.30 13.95
C LYS B 459 -49.89 -5.72 13.42
N GLU B 460 -51.11 -6.11 13.04
CA GLU B 460 -51.33 -7.46 12.49
C GLU B 460 -50.42 -7.67 11.29
N PHE B 461 -50.41 -6.68 10.40
CA PHE B 461 -49.52 -6.72 9.26
C PHE B 461 -48.05 -6.68 9.69
N ARG B 462 -47.69 -5.82 10.63
CA ARG B 462 -46.31 -5.78 11.11
C ARG B 462 -45.88 -7.16 11.56
N ASP B 463 -46.70 -7.79 12.39
CA ASP B 463 -46.42 -9.11 12.93
C ASP B 463 -46.29 -10.21 11.86
N TYR B 464 -47.18 -10.19 10.87
CA TYR B 464 -47.09 -11.10 9.71
C TYR B 464 -45.78 -10.88 8.92
N LEU B 465 -45.46 -9.61 8.70
CA LEU B 465 -44.25 -9.20 7.98
C LEU B 465 -43.00 -9.66 8.72
N THR B 466 -42.93 -9.34 10.02
CA THR B 466 -41.84 -9.76 10.91
C THR B 466 -41.63 -11.27 10.94
N ASN B 467 -42.73 -12.03 10.94
CA ASN B 467 -42.65 -13.49 11.00
CA ASN B 467 -42.67 -13.50 11.00
C ASN B 467 -42.09 -14.12 9.72
N ASN B 468 -42.41 -13.55 8.57
CA ASN B 468 -41.91 -14.14 7.31
C ASN B 468 -41.34 -13.13 6.29
N PHE B 469 -40.46 -12.26 6.76
CA PHE B 469 -39.78 -11.27 5.91
C PHE B 469 -38.41 -11.88 5.61
N GLU B 470 -38.03 -11.89 4.33
CA GLU B 470 -36.72 -12.34 3.86
C GLU B 470 -36.06 -11.15 3.22
N GLN B 471 -34.87 -10.82 3.73
CA GLN B 471 -34.08 -9.68 3.26
C GLN B 471 -33.61 -9.78 1.81
N VAL B 472 -33.03 -10.92 1.43
CA VAL B 472 -32.53 -11.11 0.06
C VAL B 472 -33.64 -10.98 -1.00
N ASP B 473 -34.79 -11.56 -0.71
CA ASP B 473 -35.86 -11.55 -1.68
CA ASP B 473 -35.96 -11.55 -1.60
C ASP B 473 -36.45 -10.13 -1.81
N PHE B 474 -36.43 -9.35 -0.72
CA PHE B 474 -36.82 -7.96 -0.72
C PHE B 474 -35.88 -7.12 -1.59
N LEU B 475 -34.58 -7.35 -1.44
CA LEU B 475 -33.60 -6.68 -2.26
C LEU B 475 -33.70 -7.09 -3.73
N LEU B 476 -34.02 -8.36 -4.00
CA LEU B 476 -34.18 -8.81 -5.40
C LEU B 476 -35.42 -8.16 -6.06
N LYS B 477 -36.50 -8.00 -5.29
CA LYS B 477 -37.70 -7.30 -5.77
C LYS B 477 -37.44 -5.81 -6.04
N LEU B 478 -36.60 -5.20 -5.20
CA LEU B 478 -36.22 -3.78 -5.36
C LEU B 478 -35.37 -3.58 -6.63
N ALA B 479 -34.42 -4.49 -6.87
CA ALA B 479 -33.62 -4.49 -8.10
C ALA B 479 -34.50 -4.72 -9.33
N GLU B 480 -35.51 -5.58 -9.20
CA GLU B 480 -36.44 -5.87 -10.31
C GLU B 480 -37.18 -4.60 -10.74
N LYS B 481 -37.52 -3.74 -9.77
CA LYS B 481 -38.21 -2.49 -10.03
C LYS B 481 -37.36 -1.44 -10.73
N ASN B 482 -36.04 -1.59 -10.59
CA ASN B 482 -35.09 -0.66 -11.17
C ASN B 482 -34.44 -1.21 -12.44
N GLY B 483 -34.85 -2.39 -12.87
CA GLY B 483 -34.29 -3.00 -14.07
C GLY B 483 -32.84 -3.41 -13.89
N VAL B 484 -32.43 -3.70 -12.66
CA VAL B 484 -31.04 -4.09 -12.37
C VAL B 484 -30.97 -5.43 -11.65
N VAL B 485 -29.80 -6.05 -11.64
CA VAL B 485 -29.64 -7.34 -10.96
C VAL B 485 -29.74 -7.13 -9.44
N LEU B 486 -29.04 -6.09 -8.97
CA LEU B 486 -28.99 -5.71 -7.56
C LEU B 486 -28.67 -4.24 -7.43
N VAL B 487 -29.45 -3.49 -6.65
CA VAL B 487 -29.19 -2.04 -6.40
C VAL B 487 -27.98 -1.89 -5.44
N ASP B 488 -26.99 -1.09 -5.85
CA ASP B 488 -25.79 -0.88 -5.03
C ASP B 488 -25.99 0.27 -4.02
N GLY B 489 -25.79 0.00 -2.72
CA GLY B 489 -25.98 1.02 -1.69
C GLY B 489 -27.22 0.80 -0.89
N VAL B 490 -27.92 -0.30 -1.14
CA VAL B 490 -29.10 -0.66 -0.35
C VAL B 490 -28.91 -2.06 0.22
N GLY B 491 -29.11 -2.19 1.53
CA GLY B 491 -29.05 -3.46 2.23
C GLY B 491 -29.74 -3.35 3.56
N PHE B 492 -29.21 -4.07 4.55
CA PHE B 492 -29.76 -4.09 5.90
C PHE B 492 -28.73 -3.87 7.02
N GLY B 493 -29.24 -3.38 8.16
CA GLY B 493 -28.43 -3.17 9.35
C GLY B 493 -28.42 -4.44 10.18
N ALA B 494 -27.93 -4.32 11.41
CA ALA B 494 -27.82 -5.44 12.34
C ALA B 494 -29.17 -5.84 12.93
N LYS B 495 -30.06 -4.87 13.07
CA LYS B 495 -31.38 -5.12 13.62
C LYS B 495 -32.33 -5.63 12.53
N PRO B 496 -33.29 -6.50 12.91
CA PRO B 496 -34.25 -7.03 11.96
C PRO B 496 -35.15 -5.90 11.45
N GLY B 497 -35.43 -5.92 10.15
CA GLY B 497 -36.26 -4.89 9.52
C GLY B 497 -35.66 -3.49 9.39
N GLU B 498 -34.34 -3.33 9.57
CA GLU B 498 -33.79 -1.98 9.40
C GLU B 498 -33.04 -1.90 8.07
N LEU B 499 -33.62 -1.16 7.13
CA LEU B 499 -33.04 -0.95 5.81
C LEU B 499 -31.80 -0.09 6.02
N ARG B 500 -30.70 -0.45 5.36
CA ARG B 500 -29.49 0.33 5.45
C ARG B 500 -29.17 0.88 4.04
N VAL B 501 -29.06 2.21 3.95
CA VAL B 501 -28.80 2.89 2.70
C VAL B 501 -27.59 3.81 2.80
N SER B 502 -26.77 3.81 1.75
CA SER B 502 -25.66 4.71 1.60
C SER B 502 -26.05 5.89 0.71
N GLN B 503 -25.90 7.12 1.21
CA GLN B 503 -26.16 8.32 0.39
C GLN B 503 -24.91 8.68 -0.45
N ALA B 504 -23.94 7.78 -0.49
CA ALA B 504 -22.72 8.01 -1.25
C ALA B 504 -22.76 7.36 -2.64
N ASN B 505 -23.51 6.27 -2.79
CA ASN B 505 -23.42 5.37 -3.96
C ASN B 505 -24.20 5.61 -5.27
N LEU B 506 -25.40 6.17 -5.13
CA LEU B 506 -26.30 6.37 -6.25
C LEU B 506 -26.51 7.82 -6.65
N PRO B 507 -26.92 8.05 -7.92
CA PRO B 507 -27.25 9.42 -8.31
C PRO B 507 -28.33 10.02 -7.41
N THR B 508 -28.30 11.32 -7.20
CA THR B 508 -29.28 11.99 -6.35
C THR B 508 -30.71 11.70 -6.73
N GLU B 509 -30.98 11.59 -8.04
CA GLU B 509 -32.35 11.28 -8.53
C GLU B 509 -32.90 9.90 -8.10
N ASP B 510 -32.01 8.95 -7.84
CA ASP B 510 -32.40 7.62 -7.38
C ASP B 510 -32.99 7.52 -5.95
N TYR B 511 -32.69 8.48 -5.09
CA TYR B 511 -33.12 8.41 -3.69
C TYR B 511 -34.61 8.49 -3.44
N ALA B 512 -35.28 9.44 -4.10
CA ALA B 512 -36.74 9.53 -3.95
C ALA B 512 -37.37 8.30 -4.62
N LEU B 513 -36.74 7.83 -5.69
CA LEU B 513 -37.24 6.69 -6.42
C LEU B 513 -37.22 5.44 -5.52
N ILE B 514 -36.09 5.18 -4.84
CA ILE B 514 -35.93 4.06 -3.90
C ILE B 514 -36.98 4.06 -2.77
N GLY B 515 -37.15 5.20 -2.10
CA GLY B 515 -38.14 5.34 -1.02
C GLY B 515 -39.55 5.08 -1.51
N LYS B 516 -39.85 5.60 -2.69
CA LYS B 516 -41.16 5.39 -3.30
C LYS B 516 -41.38 3.90 -3.62
N GLN B 517 -40.31 3.19 -4.02
CA GLN B 517 -40.36 1.75 -4.29
C GLN B 517 -40.46 0.88 -3.01
N VAL B 518 -39.93 1.37 -1.88
CA VAL B 518 -40.04 0.61 -0.62
C VAL B 518 -41.50 0.65 -0.17
N LEU B 519 -42.17 1.78 -0.38
CA LEU B 519 -43.57 1.90 -0.07
C LEU B 519 -44.40 0.98 -0.98
N GLU B 520 -44.05 0.91 -2.27
CA GLU B 520 -44.68 -0.04 -3.21
C GLU B 520 -44.52 -1.49 -2.76
N LEU B 521 -43.29 -1.86 -2.37
CA LEU B 521 -43.02 -3.21 -1.91
C LEU B 521 -43.82 -3.53 -0.63
N LEU B 522 -43.92 -2.60 0.31
CA LEU B 522 -44.75 -2.83 1.52
C LEU B 522 -46.22 -3.06 1.17
N LYS B 523 -46.72 -2.30 0.20
CA LYS B 523 -48.10 -2.42 -0.28
C LYS B 523 -48.35 -3.78 -0.92
N GLU B 524 -47.41 -4.27 -1.73
CA GLU B 524 -47.54 -5.60 -2.33
C GLU B 524 -47.55 -6.69 -1.24
N TYR B 525 -46.69 -6.55 -0.24
CA TYR B 525 -46.69 -7.46 0.88
C TYR B 525 -48.03 -7.42 1.62
N TYR B 526 -48.58 -6.22 1.77
CA TYR B 526 -49.84 -6.04 2.48
C TYR B 526 -51.03 -6.64 1.70
N GLU B 527 -51.01 -6.44 0.38
CA GLU B 527 -52.06 -6.99 -0.45
C GLU B 527 -52.05 -8.54 -0.41
N GLU B 528 -50.85 -9.12 -0.38
CA GLU B 528 -50.71 -10.57 -0.29
C GLU B 528 -51.16 -11.09 1.09
N PHE B 529 -50.78 -10.36 2.14
CA PHE B 529 -51.20 -10.64 3.50
C PHE B 529 -52.74 -10.76 3.53
N LYS B 530 -53.39 -9.71 3.05
CA LYS B 530 -54.85 -9.62 2.98
C LYS B 530 -55.55 -10.66 2.09
N GLN B 531 -54.95 -10.94 0.93
CA GLN B 531 -55.49 -11.89 -0.04
C GLN B 531 -55.73 -13.28 0.57
N ASN B 532 -54.77 -13.76 1.37
CA ASN B 532 -54.91 -15.05 2.04
C ASN B 532 -55.69 -14.91 3.37
#